data_7UF7
#
_entry.id   7UF7
#
_cell.length_a   62.614
_cell.length_b   83.120
_cell.length_c   105.122
_cell.angle_alpha   90.000
_cell.angle_beta   90.000
_cell.angle_gamma   90.000
#
_symmetry.space_group_name_H-M   'P 21 21 21'
#
loop_
_entity.id
_entity.type
_entity.pdbx_description
1 polymer 'Hemoglobin subunit alpha'
2 polymer 'Hemoglobin subunit beta'
3 non-polymer 'PROTOPORPHYRIN IX CONTAINING FE'
4 non-polymer 'CARBON MONOXIDE'
5 non-polymer (5P)-5-(5-methylfuran-2-yl)-1H-pyrazole
6 water water
#
loop_
_entity_poly.entity_id
_entity_poly.type
_entity_poly.pdbx_seq_one_letter_code
_entity_poly.pdbx_strand_id
1 'polypeptide(L)'
;MVLSPADKTNVKAAWGKVGAHAGEYGAEALERMFLSFPTTKTYFPHFDLSHGSAQVKGHGKKVADALTNAVAHVDDMPNA
LSALSDLHAHKLRVDPVNFKLLSHCLLVTLAAHLPAEFTPAVHASLDKFLASVSTVLTSKYR
;
A,C
2 'polypeptide(L)'
;MVHLTPEEKSAVTALWGKVNVDEVGGEALGRLLVVYPWTQRFFESFGDLSTPDAVMGNPKVKAHGKKVLGAFSDGLAHLD
NLKGTFATLSELHCDKLHVDPENFRLLGNVLVCVLAHHFGKEFTPPVQAAYQKVVAGVANALAHKYH
;
B,D
#
loop_
_chem_comp.id
_chem_comp.type
_chem_comp.name
_chem_comp.formula
CMO non-polymer 'CARBON MONOXIDE' 'C O'
HEM non-polymer 'PROTOPORPHYRIN IX CONTAINING FE' 'C34 H32 Fe N4 O4'
N2Q non-polymer (5P)-5-(5-methylfuran-2-yl)-1H-pyrazole 'C8 H8 N2 O'
#
# COMPACT_ATOMS: atom_id res chain seq x y z
N VAL A 2 -0.14 -13.02 7.55
CA VAL A 2 -0.21 -14.29 8.28
C VAL A 2 -0.29 -14.02 9.78
N LEU A 3 -1.32 -14.58 10.42
CA LEU A 3 -1.56 -14.38 11.85
C LEU A 3 -0.87 -15.48 12.63
N SER A 4 -0.17 -15.09 13.69
CA SER A 4 0.44 -16.00 14.62
C SER A 4 -0.63 -16.57 15.54
N PRO A 5 -0.33 -17.67 16.24
CA PRO A 5 -1.26 -18.11 17.29
C PRO A 5 -1.60 -17.00 18.28
N ALA A 6 -0.63 -16.16 18.66
CA ALA A 6 -0.93 -15.05 19.58
C ALA A 6 -1.81 -14.00 18.92
N ASP A 7 -1.58 -13.70 17.63
CA ASP A 7 -2.47 -12.77 16.92
C ASP A 7 -3.92 -13.22 17.04
N LYS A 8 -4.15 -14.51 16.79
CA LYS A 8 -5.51 -15.04 16.80
C LYS A 8 -6.15 -14.91 18.18
N THR A 9 -5.41 -15.25 19.25
CA THR A 9 -6.00 -15.15 20.57
C THR A 9 -6.17 -13.70 21.00
N ASN A 10 -5.25 -12.81 20.59
CA ASN A 10 -5.44 -11.37 20.80
C ASN A 10 -6.74 -10.88 20.16
N VAL A 11 -6.96 -11.27 18.90
CA VAL A 11 -8.14 -10.82 18.19
C VAL A 11 -9.41 -11.36 18.83
N LYS A 12 -9.42 -12.66 19.18
CA LYS A 12 -10.61 -13.25 19.80
C LYS A 12 -10.93 -12.59 21.12
N ALA A 13 -9.90 -12.31 21.93
CA ALA A 13 -10.16 -11.67 23.21
C ALA A 13 -10.71 -10.26 23.04
N ALA A 14 -10.10 -9.48 22.15
CA ALA A 14 -10.48 -8.08 22.01
C ALA A 14 -11.84 -7.96 21.32
N TRP A 15 -11.99 -8.59 20.15
CA TRP A 15 -13.26 -8.52 19.45
C TRP A 15 -14.39 -9.15 20.27
N GLY A 16 -14.08 -10.16 21.07
CA GLY A 16 -15.09 -10.75 21.94
C GLY A 16 -15.68 -9.79 22.95
N LYS A 17 -15.00 -8.66 23.23
CA LYS A 17 -15.55 -7.66 24.13
C LYS A 17 -16.62 -6.80 23.48
N VAL A 18 -16.69 -6.78 22.15
CA VAL A 18 -17.74 -6.00 21.47
C VAL A 18 -19.12 -6.44 21.95
N GLY A 19 -19.40 -7.75 21.86
CA GLY A 19 -20.64 -8.28 22.40
C GLY A 19 -21.87 -7.64 21.80
N ALA A 20 -22.78 -7.20 22.67
CA ALA A 20 -24.01 -6.58 22.22
C ALA A 20 -23.81 -5.20 21.61
N HIS A 21 -22.58 -4.68 21.59
CA HIS A 21 -22.26 -3.41 20.97
C HIS A 21 -21.94 -3.53 19.48
N ALA A 22 -22.15 -4.71 18.88
CA ALA A 22 -21.80 -4.93 17.48
C ALA A 22 -22.33 -3.84 16.56
N GLY A 23 -23.64 -3.59 16.63
CA GLY A 23 -24.24 -2.62 15.71
C GLY A 23 -23.80 -1.20 16.01
N GLU A 24 -23.80 -0.82 17.29
CA GLU A 24 -23.27 0.47 17.70
C GLU A 24 -21.83 0.67 17.20
N TYR A 25 -20.97 -0.32 17.41
CA TYR A 25 -19.56 -0.13 17.05
C TYR A 25 -19.36 -0.16 15.54
N GLY A 26 -20.04 -1.08 14.85
CA GLY A 26 -19.95 -1.11 13.39
C GLY A 26 -20.47 0.16 12.75
N ALA A 27 -21.63 0.64 13.22
CA ALA A 27 -22.19 1.89 12.71
C ALA A 27 -21.26 3.06 12.97
N GLU A 28 -20.71 3.15 14.18
CA GLU A 28 -19.74 4.19 14.48
C GLU A 28 -18.53 4.14 13.55
N ALA A 29 -17.99 2.93 13.30
CA ALA A 29 -16.85 2.84 12.41
C ALA A 29 -17.20 3.31 11.01
N LEU A 30 -18.40 2.97 10.53
CA LEU A 30 -18.82 3.46 9.22
C LEU A 30 -18.99 4.98 9.24
N GLU A 31 -19.60 5.51 10.31
CA GLU A 31 -19.78 6.96 10.40
C GLU A 31 -18.44 7.67 10.39
N ARG A 32 -17.47 7.16 11.17
CA ARG A 32 -16.14 7.74 11.16
C ARG A 32 -15.55 7.72 9.76
N MET A 33 -15.74 6.62 9.03
CA MET A 33 -15.21 6.52 7.68
C MET A 33 -15.86 7.54 6.74
N PHE A 34 -17.21 7.60 6.74
CA PHE A 34 -17.91 8.50 5.83
C PHE A 34 -17.57 9.95 6.11
N LEU A 35 -17.41 10.30 7.39
CA LEU A 35 -17.12 11.68 7.76
C LEU A 35 -15.65 12.04 7.53
N SER A 36 -14.73 11.14 7.89
CA SER A 36 -13.31 11.46 7.74
C SER A 36 -12.83 11.34 6.31
N PHE A 37 -13.38 10.40 5.53
CA PHE A 37 -12.91 10.13 4.16
C PHE A 37 -14.11 10.16 3.24
N PRO A 38 -14.59 11.35 2.87
CA PRO A 38 -15.87 11.44 2.15
C PRO A 38 -15.92 10.67 0.85
N THR A 39 -14.78 10.37 0.22
CA THR A 39 -14.81 9.63 -1.03
C THR A 39 -15.40 8.23 -0.85
N THR A 40 -15.26 7.63 0.34
CA THR A 40 -15.87 6.33 0.56
C THR A 40 -17.40 6.36 0.39
N LYS A 41 -18.04 7.51 0.58
CA LYS A 41 -19.49 7.59 0.36
C LYS A 41 -19.91 7.15 -1.04
N THR A 42 -19.01 7.26 -2.03
CA THR A 42 -19.44 6.95 -3.40
C THR A 42 -19.74 5.48 -3.63
N TYR A 43 -19.40 4.61 -2.69
CA TYR A 43 -19.86 3.23 -2.82
C TYR A 43 -21.27 3.05 -2.29
N PHE A 44 -21.82 4.04 -1.63
CA PHE A 44 -23.14 3.87 -1.06
C PHE A 44 -24.11 4.94 -1.58
N PRO A 45 -24.18 5.17 -2.89
CA PRO A 45 -25.01 6.29 -3.37
C PRO A 45 -26.48 6.08 -3.13
N HIS A 46 -26.94 4.83 -3.05
CA HIS A 46 -28.34 4.54 -2.79
C HIS A 46 -28.70 4.61 -1.32
N PHE A 47 -27.71 4.78 -0.45
CA PHE A 47 -27.92 4.81 0.99
C PHE A 47 -28.33 6.19 1.47
N ASP A 48 -29.15 6.21 2.52
CA ASP A 48 -29.27 7.38 3.37
C ASP A 48 -28.03 7.42 4.26
N LEU A 49 -27.17 8.42 4.06
CA LEU A 49 -25.90 8.50 4.79
C LEU A 49 -25.87 9.66 5.77
N SER A 50 -27.00 10.31 6.04
CA SER A 50 -27.09 11.30 7.10
C SER A 50 -26.71 10.68 8.44
N HIS A 51 -26.25 11.52 9.37
CA HIS A 51 -25.83 10.98 10.66
C HIS A 51 -27.02 10.35 11.39
N GLY A 52 -26.76 9.25 12.09
CA GLY A 52 -27.83 8.56 12.76
C GLY A 52 -28.81 7.89 11.84
N SER A 53 -28.53 7.87 10.53
CA SER A 53 -29.38 7.17 9.57
C SER A 53 -29.65 5.75 10.03
N ALA A 54 -30.92 5.35 9.93
CA ALA A 54 -31.28 3.98 10.26
C ALA A 54 -30.59 2.99 9.33
N GLN A 55 -30.40 3.38 8.07
CA GLN A 55 -29.78 2.46 7.11
C GLN A 55 -28.32 2.21 7.47
N VAL A 56 -27.61 3.25 7.90
CA VAL A 56 -26.23 3.08 8.34
C VAL A 56 -26.16 2.23 9.62
N LYS A 57 -27.09 2.44 10.56
CA LYS A 57 -27.08 1.64 11.79
C LYS A 57 -27.27 0.16 11.48
N GLY A 58 -28.23 -0.18 10.62
CA GLY A 58 -28.46 -1.57 10.30
C GLY A 58 -27.31 -2.15 9.52
N HIS A 59 -26.72 -1.35 8.64
CA HIS A 59 -25.58 -1.82 7.90
C HIS A 59 -24.38 -2.04 8.81
N GLY A 60 -24.15 -1.13 9.76
CA GLY A 60 -23.07 -1.31 10.72
C GLY A 60 -23.14 -2.63 11.45
N LYS A 61 -24.36 -3.11 11.75
CA LYS A 61 -24.52 -4.40 12.43
C LYS A 61 -24.11 -5.55 11.53
N LYS A 62 -24.42 -5.47 10.24
CA LYS A 62 -24.02 -6.51 9.30
C LYS A 62 -22.51 -6.60 9.21
N VAL A 63 -21.82 -5.45 9.14
CA VAL A 63 -20.36 -5.42 9.13
C VAL A 63 -19.79 -6.06 10.38
N ALA A 64 -20.23 -5.60 11.55
CA ALA A 64 -19.74 -6.16 12.81
C ALA A 64 -19.92 -7.66 12.85
N ASP A 65 -21.10 -8.15 12.48
CA ASP A 65 -21.37 -9.59 12.58
C ASP A 65 -20.49 -10.39 11.62
N ALA A 66 -20.21 -9.83 10.44
CA ALA A 66 -19.29 -10.50 9.52
C ALA A 66 -17.90 -10.61 10.11
N LEU A 67 -17.42 -9.56 10.78
CA LEU A 67 -16.13 -9.64 11.46
C LEU A 67 -16.16 -10.71 12.56
N THR A 68 -17.23 -10.77 13.34
CA THR A 68 -17.39 -11.83 14.33
C THR A 68 -17.28 -13.19 13.68
N ASN A 69 -17.91 -13.38 12.52
CA ASN A 69 -17.80 -14.64 11.81
C ASN A 69 -16.38 -14.85 11.30
N ALA A 70 -15.73 -13.80 10.80
CA ALA A 70 -14.32 -13.92 10.41
C ALA A 70 -13.44 -14.35 11.59
N VAL A 71 -13.67 -13.78 12.77
CA VAL A 71 -12.88 -14.17 13.95
C VAL A 71 -13.07 -15.65 14.25
N ALA A 72 -14.32 -16.13 14.13
CA ALA A 72 -14.59 -17.54 14.36
C ALA A 72 -13.94 -18.42 13.31
N HIS A 73 -13.71 -17.91 12.10
CA HIS A 73 -13.15 -18.71 11.01
C HIS A 73 -11.78 -18.20 10.60
N VAL A 74 -10.99 -17.77 11.58
CA VAL A 74 -9.73 -17.11 11.32
C VAL A 74 -8.74 -18.03 10.62
N ASP A 75 -8.90 -19.35 10.74
CA ASP A 75 -8.05 -20.30 10.04
C ASP A 75 -8.58 -20.69 8.66
N ASP A 76 -9.77 -20.27 8.26
CA ASP A 76 -10.17 -20.56 6.88
C ASP A 76 -11.05 -19.42 6.36
N MET A 77 -10.48 -18.22 6.34
CA MET A 77 -11.24 -17.04 5.95
C MET A 77 -11.63 -17.04 4.47
N PRO A 78 -10.75 -17.43 3.54
CA PRO A 78 -11.20 -17.49 2.15
C PRO A 78 -12.45 -18.32 1.96
N ASN A 79 -12.54 -19.45 2.66
CA ASN A 79 -13.74 -20.27 2.58
C ASN A 79 -14.94 -19.58 3.24
N ALA A 80 -14.75 -19.07 4.46
CA ALA A 80 -15.88 -18.50 5.19
C ALA A 80 -16.38 -17.21 4.56
N LEU A 81 -15.50 -16.44 3.93
CA LEU A 81 -15.85 -15.10 3.44
C LEU A 81 -16.08 -15.05 1.94
N SER A 82 -16.23 -16.21 1.29
CA SER A 82 -16.35 -16.26 -0.16
C SER A 82 -17.52 -15.43 -0.68
N ALA A 83 -18.66 -15.45 0.02
CA ALA A 83 -19.79 -14.65 -0.43
C ALA A 83 -19.47 -13.17 -0.36
N LEU A 84 -18.77 -12.74 0.69
CA LEU A 84 -18.41 -11.33 0.80
C LEU A 84 -17.36 -10.93 -0.22
N SER A 85 -16.44 -11.83 -0.55
CA SER A 85 -15.51 -11.55 -1.63
C SER A 85 -16.23 -11.38 -2.97
N ASP A 86 -17.20 -12.25 -3.25
CA ASP A 86 -17.99 -12.10 -4.47
C ASP A 86 -18.63 -10.73 -4.54
N LEU A 87 -19.17 -10.26 -3.41
CA LEU A 87 -19.78 -8.93 -3.38
C LEU A 87 -18.74 -7.82 -3.57
N HIS A 88 -17.67 -7.82 -2.75
CA HIS A 88 -16.79 -6.66 -2.70
C HIS A 88 -15.76 -6.64 -3.85
N ALA A 89 -15.28 -7.82 -4.27
CA ALA A 89 -14.30 -7.89 -5.34
C ALA A 89 -14.93 -8.09 -6.71
N HIS A 90 -15.92 -8.98 -6.84
CA HIS A 90 -16.50 -9.27 -8.16
C HIS A 90 -17.54 -8.23 -8.58
N LYS A 91 -18.45 -7.87 -7.68
CA LYS A 91 -19.56 -7.01 -8.04
C LYS A 91 -19.31 -5.53 -7.78
N LEU A 92 -18.84 -5.19 -6.57
CA LEU A 92 -18.64 -3.78 -6.21
C LEU A 92 -17.30 -3.25 -6.70
N ARG A 93 -16.29 -4.12 -6.82
CA ARG A 93 -14.98 -3.70 -7.29
C ARG A 93 -14.43 -2.57 -6.44
N VAL A 94 -14.46 -2.78 -5.12
CA VAL A 94 -14.01 -1.75 -4.18
C VAL A 94 -12.49 -1.60 -4.27
N ASP A 95 -12.02 -0.37 -4.39
CA ASP A 95 -10.57 -0.13 -4.38
C ASP A 95 -9.99 -0.50 -3.01
N PRO A 96 -8.90 -1.28 -2.96
CA PRO A 96 -8.33 -1.70 -1.67
C PRO A 96 -8.02 -0.57 -0.71
N VAL A 97 -7.78 0.66 -1.21
CA VAL A 97 -7.48 1.74 -0.27
C VAL A 97 -8.63 1.94 0.71
N ASN A 98 -9.87 1.70 0.27
CA ASN A 98 -11.01 1.95 1.12
C ASN A 98 -11.07 0.95 2.27
N PHE A 99 -10.50 -0.24 2.06
CA PHE A 99 -10.42 -1.21 3.15
C PHE A 99 -9.43 -0.76 4.21
N LYS A 100 -8.35 -0.08 3.80
CA LYS A 100 -7.44 0.51 4.78
C LYS A 100 -8.12 1.60 5.59
N LEU A 101 -8.95 2.41 4.92
CA LEU A 101 -9.66 3.47 5.63
C LEU A 101 -10.63 2.89 6.65
N LEU A 102 -11.45 1.91 6.24
CA LEU A 102 -12.40 1.35 7.19
C LEU A 102 -11.69 0.60 8.30
N SER A 103 -10.64 -0.15 7.97
CA SER A 103 -9.85 -0.83 9.00
C SER A 103 -9.31 0.16 10.04
N HIS A 104 -8.77 1.29 9.57
CA HIS A 104 -8.31 2.32 10.49
C HIS A 104 -9.47 2.82 11.35
N CYS A 105 -10.64 3.04 10.75
CA CYS A 105 -11.76 3.56 11.55
C CYS A 105 -12.26 2.51 12.54
N LEU A 106 -12.17 1.23 12.20
CA LEU A 106 -12.52 0.21 13.18
C LEU A 106 -11.54 0.20 14.35
N LEU A 107 -10.25 0.36 14.06
CA LEU A 107 -9.27 0.44 15.16
C LEU A 107 -9.56 1.64 16.05
N VAL A 108 -9.89 2.78 15.45
CA VAL A 108 -10.19 3.97 16.24
C VAL A 108 -11.39 3.73 17.14
N THR A 109 -12.43 3.09 16.60
CA THR A 109 -13.61 2.78 17.39
C THR A 109 -13.28 1.86 18.56
N LEU A 110 -12.46 0.84 18.31
CA LEU A 110 -12.08 -0.09 19.37
C LEU A 110 -11.24 0.62 20.43
N ALA A 111 -10.29 1.45 20.02
CA ALA A 111 -9.48 2.21 20.98
C ALA A 111 -10.34 3.12 21.85
N ALA A 112 -11.34 3.78 21.23
CA ALA A 112 -12.20 4.71 21.95
C ALA A 112 -13.15 4.01 22.92
N HIS A 113 -13.56 2.77 22.62
CA HIS A 113 -14.51 2.06 23.48
C HIS A 113 -13.87 1.01 24.37
N LEU A 114 -12.70 0.49 24.03
CA LEU A 114 -12.10 -0.65 24.75
C LEU A 114 -10.64 -0.37 25.09
N PRO A 115 -10.38 0.71 25.85
CA PRO A 115 -8.98 1.13 26.07
C PRO A 115 -8.15 0.08 26.76
N ALA A 116 -8.74 -0.73 27.65
CA ALA A 116 -8.00 -1.78 28.31
C ALA A 116 -7.65 -2.92 27.36
N GLU A 117 -8.47 -3.16 26.35
CA GLU A 117 -8.19 -4.20 25.36
C GLU A 117 -7.13 -3.77 24.37
N PHE A 118 -7.02 -2.47 24.11
CA PHE A 118 -6.30 -1.97 22.95
C PHE A 118 -4.84 -1.68 23.30
N THR A 119 -4.14 -2.73 23.70
CA THR A 119 -2.70 -2.64 23.99
C THR A 119 -1.93 -2.58 22.69
N PRO A 120 -0.65 -2.21 22.74
CA PRO A 120 0.15 -2.19 21.50
C PRO A 120 0.21 -3.52 20.77
N ALA A 121 0.43 -4.63 21.49
CA ALA A 121 0.43 -5.93 20.82
C ALA A 121 -0.92 -6.28 20.22
N VAL A 122 -2.01 -5.99 20.94
CA VAL A 122 -3.35 -6.31 20.44
C VAL A 122 -3.71 -5.42 19.27
N HIS A 123 -3.38 -4.13 19.35
CA HIS A 123 -3.47 -3.22 18.21
C HIS A 123 -2.76 -3.80 16.99
N ALA A 124 -1.57 -4.36 17.18
CA ALA A 124 -0.84 -4.95 16.06
C ALA A 124 -1.58 -6.15 15.48
N SER A 125 -2.09 -7.03 16.35
CA SER A 125 -2.80 -8.21 15.86
C SER A 125 -4.09 -7.79 15.14
N LEU A 126 -4.78 -6.79 15.67
CA LEU A 126 -6.03 -6.35 15.05
C LEU A 126 -5.78 -5.76 13.68
N ASP A 127 -4.67 -5.03 13.53
CA ASP A 127 -4.33 -4.49 12.23
C ASP A 127 -4.04 -5.59 11.23
N LYS A 128 -3.29 -6.63 11.63
CA LYS A 128 -3.02 -7.74 10.72
C LYS A 128 -4.29 -8.50 10.38
N PHE A 129 -5.16 -8.68 11.38
CA PHE A 129 -6.44 -9.34 11.15
C PHE A 129 -7.28 -8.61 10.10
N LEU A 130 -7.48 -7.31 10.29
CA LEU A 130 -8.29 -6.54 9.34
C LEU A 130 -7.64 -6.52 7.96
N ALA A 131 -6.31 -6.44 7.90
CA ALA A 131 -5.63 -6.50 6.60
C ALA A 131 -5.89 -7.82 5.90
N SER A 132 -5.88 -8.93 6.65
CA SER A 132 -6.12 -10.24 6.04
CA SER A 132 -6.11 -10.24 6.03
C SER A 132 -7.55 -10.37 5.55
N VAL A 133 -8.51 -9.90 6.36
CA VAL A 133 -9.90 -9.85 5.91
C VAL A 133 -9.98 -9.02 4.64
N SER A 134 -9.29 -7.87 4.61
CA SER A 134 -9.37 -6.98 3.46
C SER A 134 -8.86 -7.67 2.20
N THR A 135 -7.77 -8.42 2.33
CA THR A 135 -7.21 -9.13 1.18
C THR A 135 -8.20 -10.12 0.60
N VAL A 136 -8.87 -10.90 1.47
CA VAL A 136 -9.89 -11.84 1.00
C VAL A 136 -11.00 -11.10 0.26
N LEU A 137 -11.49 -10.00 0.82
CA LEU A 137 -12.64 -9.32 0.23
C LEU A 137 -12.29 -8.56 -1.05
N THR A 138 -11.01 -8.30 -1.32
CA THR A 138 -10.61 -7.65 -2.56
C THR A 138 -9.97 -8.62 -3.56
N SER A 139 -9.94 -9.91 -3.26
N SER A 139 -9.96 -9.91 -3.27
CA SER A 139 -9.36 -10.89 -4.15
CA SER A 139 -9.37 -10.87 -4.18
C SER A 139 -10.46 -11.65 -4.88
C SER A 139 -10.46 -11.66 -4.89
N LYS A 140 -10.24 -11.92 -6.18
CA LYS A 140 -11.12 -12.76 -6.99
C LYS A 140 -10.47 -14.13 -7.05
N TYR A 141 -10.94 -15.05 -6.22
CA TYR A 141 -10.32 -16.36 -6.12
C TYR A 141 -11.26 -17.51 -6.46
N ARG A 142 -12.45 -17.22 -6.99
CA ARG A 142 -13.33 -18.25 -7.47
C ARG A 142 -13.07 -18.42 -8.95
N VAL B 2 -4.46 23.15 4.79
CA VAL B 2 -5.61 22.37 5.23
C VAL B 2 -6.71 23.31 5.73
N HIS B 3 -7.95 23.01 5.39
CA HIS B 3 -9.06 23.89 5.73
C HIS B 3 -9.94 23.20 6.76
N LEU B 4 -9.86 23.67 8.00
CA LEU B 4 -10.80 23.31 9.04
C LEU B 4 -11.86 24.41 9.09
N THR B 5 -13.11 24.01 9.30
CA THR B 5 -14.11 25.01 9.66
C THR B 5 -13.72 25.64 10.98
N PRO B 6 -14.24 26.83 11.28
CA PRO B 6 -13.98 27.41 12.61
C PRO B 6 -14.49 26.52 13.74
N GLU B 7 -15.57 25.77 13.51
CA GLU B 7 -16.05 24.82 14.50
C GLU B 7 -15.07 23.66 14.67
N GLU B 8 -14.55 23.13 13.57
CA GLU B 8 -13.51 22.11 13.64
C GLU B 8 -12.27 22.62 14.35
N LYS B 9 -11.85 23.85 14.05
CA LYS B 9 -10.63 24.37 14.66
C LYS B 9 -10.78 24.44 16.18
N SER B 10 -11.91 24.93 16.67
CA SER B 10 -12.13 24.98 18.11
C SER B 10 -12.11 23.59 18.73
N ALA B 11 -12.74 22.61 18.07
CA ALA B 11 -12.78 21.27 18.63
C ALA B 11 -11.38 20.64 18.66
N VAL B 12 -10.62 20.79 17.57
CA VAL B 12 -9.25 20.31 17.52
C VAL B 12 -8.42 20.95 18.63
N THR B 13 -8.44 22.29 18.69
CA THR B 13 -7.67 23.03 19.68
C THR B 13 -8.06 22.64 21.10
N ALA B 14 -9.36 22.51 21.39
CA ALA B 14 -9.78 22.14 22.74
C ALA B 14 -9.23 20.77 23.12
N LEU B 15 -9.32 19.81 22.21
CA LEU B 15 -8.80 18.48 22.54
C LEU B 15 -7.28 18.50 22.70
N TRP B 16 -6.57 19.19 21.81
CA TRP B 16 -5.11 19.17 21.84
C TRP B 16 -4.57 19.80 23.12
N GLY B 17 -5.28 20.81 23.64
CA GLY B 17 -4.86 21.44 24.88
C GLY B 17 -4.88 20.52 26.07
N LYS B 18 -5.61 19.41 26.00
CA LYS B 18 -5.65 18.43 27.09
C LYS B 18 -4.63 17.32 26.92
N VAL B 19 -3.92 17.29 25.80
CA VAL B 19 -3.06 16.15 25.46
C VAL B 19 -1.90 16.07 26.44
N ASN B 20 -1.62 14.86 26.92
CA ASN B 20 -0.49 14.64 27.82
C ASN B 20 0.79 14.66 26.98
N VAL B 21 1.49 15.79 26.98
CA VAL B 21 2.65 15.94 26.10
C VAL B 21 3.82 15.09 26.54
N ASP B 22 3.79 14.54 27.75
CA ASP B 22 4.85 13.64 28.19
C ASP B 22 4.70 12.24 27.61
N GLU B 23 3.47 11.81 27.30
CA GLU B 23 3.23 10.41 26.95
C GLU B 23 2.65 10.18 25.55
N VAL B 24 1.78 11.06 25.05
CA VAL B 24 1.01 10.75 23.85
C VAL B 24 1.95 10.54 22.66
N GLY B 25 2.97 11.39 22.52
CA GLY B 25 3.88 11.26 21.41
C GLY B 25 4.69 9.96 21.45
N GLY B 26 5.15 9.57 22.64
CA GLY B 26 5.89 8.33 22.75
C GLY B 26 5.03 7.10 22.54
N GLU B 27 3.75 7.17 22.92
CA GLU B 27 2.83 6.06 22.66
C GLU B 27 2.54 5.93 21.17
N ALA B 28 2.45 7.06 20.47
CA ALA B 28 2.26 7.00 19.02
C ALA B 28 3.50 6.44 18.34
N LEU B 29 4.68 6.98 18.65
CA LEU B 29 5.88 6.44 18.02
C LEU B 29 6.09 4.98 18.40
N GLY B 30 5.82 4.65 19.66
CA GLY B 30 5.95 3.27 20.10
C GLY B 30 5.04 2.32 19.35
N ARG B 31 3.76 2.71 19.21
CA ARG B 31 2.83 1.85 18.49
C ARG B 31 3.23 1.72 17.03
N LEU B 32 3.74 2.80 16.42
CA LEU B 32 4.28 2.68 15.07
C LEU B 32 5.32 1.58 15.00
N LEU B 33 6.28 1.59 15.94
CA LEU B 33 7.36 0.61 15.96
C LEU B 33 6.84 -0.80 16.21
N VAL B 34 5.76 -0.94 16.96
CA VAL B 34 5.22 -2.26 17.30
C VAL B 34 4.33 -2.77 16.19
N VAL B 35 3.45 -1.91 15.66
CA VAL B 35 2.46 -2.37 14.68
C VAL B 35 3.08 -2.50 13.29
N TYR B 36 4.09 -1.69 13.01
CA TYR B 36 4.80 -1.72 11.73
C TYR B 36 6.29 -1.92 11.99
N PRO B 37 6.68 -3.14 12.37
CA PRO B 37 8.02 -3.36 12.94
C PRO B 37 9.18 -2.92 12.05
N TRP B 38 8.99 -2.88 10.73
CA TRP B 38 10.11 -2.46 9.90
C TRP B 38 10.53 -1.02 10.16
N THR B 39 9.63 -0.19 10.72
CA THR B 39 10.02 1.18 11.04
C THR B 39 11.10 1.21 12.13
N GLN B 40 11.30 0.10 12.84
CA GLN B 40 12.38 -0.01 13.82
C GLN B 40 13.76 0.14 13.20
N ARG B 41 13.89 -0.13 11.89
CA ARG B 41 15.18 -0.04 11.23
C ARG B 41 15.73 1.38 11.21
N PHE B 42 14.85 2.38 11.30
CA PHE B 42 15.32 3.75 11.32
C PHE B 42 15.81 4.18 12.71
N PHE B 43 15.66 3.33 13.72
CA PHE B 43 15.92 3.68 15.11
C PHE B 43 16.92 2.73 15.76
N GLU B 44 17.94 2.31 15.00
CA GLU B 44 18.86 1.29 15.52
C GLU B 44 19.59 1.76 16.77
N SER B 45 19.78 3.07 16.92
CA SER B 45 20.51 3.58 18.08
C SER B 45 19.63 3.76 19.31
N PHE B 46 18.37 3.38 19.27
CA PHE B 46 17.49 3.62 20.40
C PHE B 46 17.52 2.49 21.43
N GLY B 47 18.39 1.51 21.26
CA GLY B 47 18.53 0.47 22.26
C GLY B 47 17.50 -0.63 22.07
N ASP B 48 16.87 -1.04 23.16
CA ASP B 48 16.04 -2.24 23.18
C ASP B 48 14.69 -1.95 22.54
N LEU B 49 14.48 -2.52 21.34
CA LEU B 49 13.19 -2.48 20.67
C LEU B 49 12.61 -3.89 20.50
N SER B 50 13.09 -4.84 21.31
CA SER B 50 12.92 -6.24 20.94
C SER B 50 11.55 -6.78 21.31
N THR B 51 10.82 -6.15 22.22
CA THR B 51 9.48 -6.57 22.59
C THR B 51 8.57 -5.35 22.63
N PRO B 52 7.26 -5.55 22.53
CA PRO B 52 6.33 -4.41 22.67
C PRO B 52 6.56 -3.62 23.96
N ASP B 53 6.62 -4.30 25.11
CA ASP B 53 6.85 -3.62 26.38
C ASP B 53 8.18 -2.88 26.38
N ALA B 54 9.21 -3.47 25.78
CA ALA B 54 10.49 -2.77 25.71
C ALA B 54 10.38 -1.52 24.87
N VAL B 55 9.69 -1.60 23.73
CA VAL B 55 9.52 -0.44 22.86
C VAL B 55 8.80 0.68 23.60
N MET B 56 7.64 0.37 24.16
CA MET B 56 6.82 1.42 24.76
C MET B 56 7.51 2.05 25.96
N GLY B 57 8.22 1.26 26.76
CA GLY B 57 8.91 1.78 27.92
C GLY B 57 10.26 2.42 27.66
N ASN B 58 10.75 2.36 26.43
CA ASN B 58 12.09 2.83 26.11
C ASN B 58 12.17 4.33 26.31
N PRO B 59 13.08 4.83 27.16
CA PRO B 59 13.15 6.28 27.36
C PRO B 59 13.49 7.05 26.10
N LYS B 60 14.31 6.48 25.20
CA LYS B 60 14.60 7.18 23.95
C LYS B 60 13.37 7.27 23.05
N VAL B 61 12.52 6.23 23.06
CA VAL B 61 11.26 6.29 22.33
C VAL B 61 10.36 7.38 22.92
N LYS B 62 10.24 7.43 24.26
CA LYS B 62 9.40 8.47 24.86
C LYS B 62 9.93 9.86 24.53
N ALA B 63 11.25 10.06 24.62
CA ALA B 63 11.80 11.38 24.37
C ALA B 63 11.64 11.77 22.91
N HIS B 64 11.86 10.82 22.00
CA HIS B 64 11.71 11.15 20.60
C HIS B 64 10.26 11.38 20.22
N GLY B 65 9.35 10.54 20.71
CA GLY B 65 7.92 10.78 20.52
C GLY B 65 7.47 12.16 20.99
N LYS B 66 8.09 12.67 22.06
CA LYS B 66 7.75 14.01 22.51
C LYS B 66 8.12 15.05 21.45
N LYS B 67 9.25 14.85 20.77
CA LYS B 67 9.60 15.76 19.67
C LYS B 67 8.59 15.65 18.53
N VAL B 68 8.20 14.42 18.18
CA VAL B 68 7.14 14.21 17.18
C VAL B 68 5.92 15.04 17.51
N LEU B 69 5.43 14.88 18.75
CA LEU B 69 4.23 15.59 19.19
C LEU B 69 4.42 17.10 19.07
N GLY B 70 5.61 17.60 19.42
CA GLY B 70 5.89 19.01 19.26
C GLY B 70 5.90 19.45 17.81
N ALA B 71 6.32 18.58 16.90
CA ALA B 71 6.20 18.90 15.48
C ALA B 71 4.72 19.00 15.07
N PHE B 72 3.88 18.07 15.54
CA PHE B 72 2.44 18.20 15.29
C PHE B 72 1.86 19.46 15.93
N SER B 73 2.30 19.79 17.15
CA SER B 73 1.83 21.01 17.81
C SER B 73 2.19 22.25 16.99
N ASP B 74 3.40 22.29 16.42
CA ASP B 74 3.80 23.41 15.59
C ASP B 74 3.00 23.46 14.29
N GLY B 75 2.63 22.30 13.74
CA GLY B 75 1.78 22.30 12.57
C GLY B 75 0.39 22.82 12.87
N LEU B 76 -0.18 22.41 14.03
CA LEU B 76 -1.48 22.93 14.43
C LEU B 76 -1.47 24.44 14.52
N ALA B 77 -0.37 25.03 14.95
CA ALA B 77 -0.26 26.48 15.09
C ALA B 77 0.08 27.19 13.79
N HIS B 78 0.27 26.46 12.70
CA HIS B 78 0.61 27.05 11.40
C HIS B 78 -0.06 26.26 10.28
N LEU B 79 -1.37 26.03 10.42
CA LEU B 79 -2.11 25.27 9.40
C LEU B 79 -2.08 25.96 8.05
N ASP B 80 -1.92 27.28 8.02
CA ASP B 80 -1.88 28.00 6.75
C ASP B 80 -0.54 27.86 6.03
N ASN B 81 0.51 27.40 6.72
CA ASN B 81 1.82 27.25 6.08
C ASN B 81 2.52 25.98 6.57
N LEU B 82 1.91 24.83 6.29
CA LEU B 82 2.49 23.57 6.72
C LEU B 82 3.75 23.25 5.92
N LYS B 83 3.74 23.60 4.63
CA LYS B 83 4.89 23.35 3.76
C LYS B 83 6.14 24.06 4.29
N GLY B 84 6.01 25.33 4.67
CA GLY B 84 7.15 26.05 5.19
C GLY B 84 7.49 25.69 6.62
N THR B 85 6.47 25.36 7.43
CA THR B 85 6.73 24.92 8.80
C THR B 85 7.58 23.64 8.80
N PHE B 86 7.36 22.74 7.83
CA PHE B 86 8.00 21.43 7.84
C PHE B 86 9.12 21.28 6.81
N ALA B 87 9.59 22.36 6.17
CA ALA B 87 10.56 22.22 5.10
C ALA B 87 11.86 21.60 5.62
N THR B 88 12.34 22.06 6.78
CA THR B 88 13.54 21.48 7.36
C THR B 88 13.33 20.00 7.67
N LEU B 89 12.20 19.65 8.30
CA LEU B 89 11.96 18.26 8.62
C LEU B 89 11.77 17.41 7.37
N SER B 90 11.20 17.98 6.30
CA SER B 90 11.02 17.23 5.06
C SER B 90 12.36 16.90 4.42
N GLU B 91 13.27 17.88 4.41
CA GLU B 91 14.63 17.61 3.98
C GLU B 91 15.24 16.45 4.77
N LEU B 92 15.10 16.48 6.10
CA LEU B 92 15.66 15.41 6.93
C LEU B 92 15.04 14.06 6.57
N HIS B 93 13.70 13.98 6.55
CA HIS B 93 13.05 12.68 6.40
C HIS B 93 13.14 12.13 4.98
N CYS B 94 13.20 13.01 3.97
CA CYS B 94 13.21 12.56 2.58
C CYS B 94 14.61 12.43 2.00
N ASP B 95 15.37 13.54 1.98
CA ASP B 95 16.70 13.52 1.36
C ASP B 95 17.70 12.71 2.18
N LYS B 96 17.64 12.81 3.51
CA LYS B 96 18.64 12.14 4.35
C LYS B 96 18.19 10.75 4.79
N LEU B 97 17.00 10.64 5.36
CA LEU B 97 16.56 9.38 5.93
C LEU B 97 15.90 8.44 4.93
N HIS B 98 15.31 8.98 3.86
CA HIS B 98 14.63 8.18 2.82
C HIS B 98 13.46 7.39 3.41
N VAL B 99 12.67 8.03 4.26
CA VAL B 99 11.47 7.40 4.79
C VAL B 99 10.43 7.34 3.67
N ASP B 100 9.87 6.16 3.45
CA ASP B 100 8.84 6.02 2.44
C ASP B 100 7.60 6.81 2.88
N PRO B 101 7.06 7.69 2.03
CA PRO B 101 6.01 8.60 2.50
C PRO B 101 4.75 7.90 3.01
N GLU B 102 4.53 6.64 2.65
CA GLU B 102 3.42 5.90 3.26
C GLU B 102 3.60 5.81 4.77
N ASN B 103 4.85 5.75 5.26
CA ASN B 103 5.06 5.70 6.70
C ASN B 103 4.65 7.01 7.39
N PHE B 104 4.77 8.16 6.71
CA PHE B 104 4.25 9.41 7.27
C PHE B 104 2.75 9.29 7.55
N ARG B 105 2.04 8.64 6.65
CA ARG B 105 0.59 8.49 6.80
C ARG B 105 0.26 7.52 7.91
N LEU B 106 1.00 6.42 8.00
CA LEU B 106 0.76 5.45 9.07
C LEU B 106 0.93 6.10 10.43
N LEU B 107 2.01 6.87 10.61
CA LEU B 107 2.26 7.49 11.93
C LEU B 107 1.17 8.49 12.26
N GLY B 108 0.70 9.26 11.29
CA GLY B 108 -0.41 10.16 11.55
C GLY B 108 -1.66 9.42 11.99
N ASN B 109 -1.94 8.28 11.37
CA ASN B 109 -3.11 7.50 11.79
C ASN B 109 -2.89 6.81 13.13
N VAL B 110 -1.66 6.41 13.43
CA VAL B 110 -1.38 5.86 14.77
C VAL B 110 -1.63 6.93 15.83
N LEU B 111 -1.20 8.17 15.55
CA LEU B 111 -1.50 9.25 16.47
C LEU B 111 -3.00 9.37 16.69
N VAL B 112 -3.79 9.29 15.61
CA VAL B 112 -5.24 9.35 15.75
C VAL B 112 -5.75 8.23 16.67
N CYS B 113 -5.21 7.02 16.51
CA CYS B 113 -5.63 5.94 17.38
C CYS B 113 -5.27 6.22 18.84
N VAL B 114 -4.10 6.82 19.07
CA VAL B 114 -3.68 7.14 20.44
C VAL B 114 -4.59 8.21 21.05
N LEU B 115 -4.97 9.21 20.24
CA LEU B 115 -5.93 10.21 20.70
C LEU B 115 -7.28 9.56 21.05
N ALA B 116 -7.77 8.67 20.17
CA ALA B 116 -8.97 7.90 20.49
C ALA B 116 -8.79 7.11 21.78
N HIS B 117 -7.62 6.50 21.95
CA HIS B 117 -7.36 5.67 23.11
C HIS B 117 -7.40 6.51 24.39
N HIS B 118 -6.80 7.70 24.36
CA HIS B 118 -6.73 8.55 25.54
C HIS B 118 -8.07 9.24 25.84
N PHE B 119 -8.81 9.65 24.81
CA PHE B 119 -9.95 10.50 25.08
C PHE B 119 -11.29 9.79 25.01
N GLY B 120 -11.31 8.52 24.62
CA GLY B 120 -12.55 7.75 24.65
C GLY B 120 -13.64 8.43 23.83
N LYS B 121 -14.85 8.52 24.41
CA LYS B 121 -15.98 9.07 23.68
C LYS B 121 -15.82 10.55 23.32
N GLU B 122 -14.91 11.26 23.98
CA GLU B 122 -14.64 12.65 23.60
C GLU B 122 -14.08 12.73 22.17
N PHE B 123 -13.46 11.67 21.67
CA PHE B 123 -12.93 11.63 20.31
C PHE B 123 -14.02 11.19 19.34
N THR B 124 -14.99 12.09 19.14
CA THR B 124 -16.17 11.80 18.32
C THR B 124 -15.79 11.65 16.85
N PRO B 125 -16.68 11.12 16.02
CA PRO B 125 -16.40 11.05 14.59
C PRO B 125 -16.12 12.43 13.98
N PRO B 126 -16.86 13.49 14.34
CA PRO B 126 -16.49 14.81 13.78
C PRO B 126 -15.14 15.32 14.27
N VAL B 127 -14.75 15.02 15.51
CA VAL B 127 -13.42 15.40 15.99
C VAL B 127 -12.34 14.65 15.22
N GLN B 128 -12.54 13.35 15.03
CA GLN B 128 -11.60 12.56 14.23
C GLN B 128 -11.46 13.12 12.81
N ALA B 129 -12.60 13.41 12.17
CA ALA B 129 -12.58 13.95 10.82
C ALA B 129 -11.69 15.19 10.72
N ALA B 130 -11.78 16.08 11.72
CA ALA B 130 -10.92 17.26 11.73
C ALA B 130 -9.47 16.87 11.90
N TYR B 131 -9.19 15.95 12.80
CA TYR B 131 -7.82 15.49 13.00
C TYR B 131 -7.28 14.77 11.77
N GLN B 132 -8.16 14.09 11.00
CA GLN B 132 -7.65 13.43 9.81
C GLN B 132 -7.17 14.44 8.78
N LYS B 133 -7.85 15.58 8.68
CA LYS B 133 -7.37 16.65 7.83
C LYS B 133 -6.01 17.18 8.29
N VAL B 134 -5.79 17.27 9.60
CA VAL B 134 -4.52 17.75 10.11
C VAL B 134 -3.39 16.78 9.77
N VAL B 135 -3.58 15.49 10.10
CA VAL B 135 -2.47 14.54 9.93
C VAL B 135 -2.20 14.30 8.45
N ALA B 136 -3.23 14.35 7.60
CA ALA B 136 -2.98 14.31 6.16
C ALA B 136 -2.17 15.51 5.73
N GLY B 137 -2.48 16.68 6.28
CA GLY B 137 -1.73 17.87 5.96
C GLY B 137 -0.29 17.81 6.45
N VAL B 138 -0.09 17.31 7.66
CA VAL B 138 1.27 17.16 8.18
C VAL B 138 2.05 16.17 7.33
N ALA B 139 1.44 15.02 7.03
CA ALA B 139 2.15 13.97 6.31
C ALA B 139 2.55 14.43 4.91
N ASN B 140 1.67 15.18 4.25
CA ASN B 140 1.96 15.71 2.92
C ASN B 140 3.12 16.72 2.96
N ALA B 141 3.11 17.62 3.94
CA ALA B 141 4.22 18.57 4.10
C ALA B 141 5.54 17.84 4.33
N LEU B 142 5.52 16.77 5.15
CA LEU B 142 6.72 15.98 5.37
C LEU B 142 7.26 15.39 4.09
N ALA B 143 6.38 15.05 3.15
CA ALA B 143 6.75 14.39 1.90
C ALA B 143 7.09 15.37 0.78
N HIS B 144 7.08 16.67 1.05
CA HIS B 144 7.14 17.66 -0.03
C HIS B 144 8.42 17.54 -0.85
N LYS B 145 9.56 17.31 -0.19
CA LYS B 145 10.83 17.19 -0.91
C LYS B 145 10.88 15.97 -1.82
N TYR B 146 9.89 15.08 -1.73
CA TYR B 146 9.72 14.05 -2.75
C TYR B 146 8.98 14.59 -3.97
N HIS B 147 8.13 15.60 -3.78
CA HIS B 147 7.30 16.11 -4.88
C HIS B 147 8.11 17.04 -5.78
N VAL C 2 -5.50 -13.82 -2.22
CA VAL C 2 -5.96 -15.22 -2.35
C VAL C 2 -5.92 -15.68 -3.81
N LEU C 3 -5.29 -16.81 -4.08
CA LEU C 3 -5.14 -17.29 -5.46
C LEU C 3 -6.33 -18.16 -5.87
N SER C 4 -6.82 -17.94 -7.09
CA SER C 4 -7.81 -18.81 -7.69
C SER C 4 -7.15 -20.07 -8.20
N PRO C 5 -7.92 -21.13 -8.48
CA PRO C 5 -7.32 -22.29 -9.16
C PRO C 5 -6.64 -21.91 -10.45
N ALA C 6 -7.23 -20.99 -11.21
CA ALA C 6 -6.59 -20.56 -12.46
C ALA C 6 -5.30 -19.82 -12.17
N ASP C 7 -5.27 -19.01 -11.10
CA ASP C 7 -4.03 -18.35 -10.70
C ASP C 7 -2.93 -19.38 -10.44
N LYS C 8 -3.26 -20.40 -9.65
CA LYS C 8 -2.26 -21.42 -9.34
C LYS C 8 -1.82 -22.15 -10.59
N THR C 9 -2.76 -22.43 -11.49
CA THR C 9 -2.41 -23.05 -12.77
C THR C 9 -1.46 -22.16 -13.57
N ASN C 10 -1.77 -20.87 -13.64
CA ASN C 10 -0.93 -19.94 -14.41
C ASN C 10 0.47 -19.82 -13.82
N VAL C 11 0.55 -19.70 -12.50
CA VAL C 11 1.86 -19.53 -11.87
C VAL C 11 2.72 -20.76 -12.11
N LYS C 12 2.16 -21.95 -11.90
CA LYS C 12 2.95 -23.16 -12.05
C LYS C 12 3.45 -23.32 -13.48
N ALA C 13 2.59 -23.02 -14.46
CA ALA C 13 2.97 -23.17 -15.86
C ALA C 13 4.06 -22.17 -16.26
N ALA C 14 3.89 -20.90 -15.89
CA ALA C 14 4.88 -19.90 -16.27
C ALA C 14 6.19 -20.09 -15.52
N TRP C 15 6.12 -20.32 -14.21
CA TRP C 15 7.37 -20.46 -13.46
C TRP C 15 8.09 -21.75 -13.85
N GLY C 16 7.33 -22.77 -14.24
CA GLY C 16 7.94 -23.97 -14.77
C GLY C 16 8.80 -23.71 -15.99
N LYS C 17 8.47 -22.67 -16.77
CA LYS C 17 9.26 -22.30 -17.94
C LYS C 17 10.56 -21.60 -17.58
N VAL C 18 10.78 -21.27 -16.30
CA VAL C 18 12.03 -20.65 -15.88
C VAL C 18 13.16 -21.68 -15.88
N GLY C 19 12.93 -22.81 -15.22
CA GLY C 19 13.81 -23.97 -15.33
C GLY C 19 15.24 -23.71 -14.90
N ALA C 20 16.17 -23.94 -15.84
CA ALA C 20 17.59 -23.78 -15.55
C ALA C 20 18.01 -22.33 -15.51
N HIS C 21 17.15 -21.39 -15.89
CA HIS C 21 17.43 -19.96 -15.89
C HIS C 21 17.14 -19.30 -14.54
N ALA C 22 16.98 -20.11 -13.48
CA ALA C 22 16.65 -19.64 -12.14
C ALA C 22 17.61 -18.57 -11.64
N GLY C 23 18.87 -18.94 -11.42
CA GLY C 23 19.85 -17.98 -10.94
C GLY C 23 19.95 -16.77 -11.85
N GLU C 24 19.90 -17.00 -13.16
CA GLU C 24 20.01 -15.91 -14.12
C GLU C 24 18.90 -14.88 -13.94
N TYR C 25 17.63 -15.35 -13.92
CA TYR C 25 16.53 -14.39 -13.79
C TYR C 25 16.50 -13.78 -12.39
N GLY C 26 16.78 -14.59 -11.36
CA GLY C 26 16.84 -14.04 -10.01
C GLY C 26 17.91 -12.95 -9.87
N ALA C 27 19.10 -13.21 -10.40
CA ALA C 27 20.16 -12.21 -10.31
C ALA C 27 19.81 -10.97 -11.13
N GLU C 28 19.18 -11.16 -12.29
CA GLU C 28 18.76 -10.01 -13.08
C GLU C 28 17.71 -9.18 -12.34
N ALA C 29 16.76 -9.83 -11.68
CA ALA C 29 15.74 -9.08 -10.97
C ALA C 29 16.36 -8.29 -9.81
N LEU C 30 17.28 -8.90 -9.07
CA LEU C 30 18.02 -8.19 -8.03
C LEU C 30 18.77 -6.99 -8.62
N GLU C 31 19.49 -7.21 -9.71
CA GLU C 31 20.26 -6.11 -10.32
C GLU C 31 19.33 -4.99 -10.78
N ARG C 32 18.18 -5.33 -11.36
CA ARG C 32 17.21 -4.30 -11.75
C ARG C 32 16.70 -3.53 -10.54
N MET C 33 16.46 -4.20 -9.41
CA MET C 33 15.96 -3.51 -8.23
C MET C 33 17.01 -2.57 -7.68
N PHE C 34 18.25 -3.07 -7.51
CA PHE C 34 19.32 -2.26 -6.93
C PHE C 34 19.57 -1.00 -7.76
N LEU C 35 19.51 -1.13 -9.09
CA LEU C 35 19.77 -0.01 -9.97
C LEU C 35 18.56 0.92 -10.07
N SER C 36 17.35 0.36 -10.16
CA SER C 36 16.16 1.22 -10.28
C SER C 36 15.82 1.88 -8.96
N PHE C 37 16.04 1.19 -7.84
CA PHE C 37 15.61 1.64 -6.52
C PHE C 37 16.80 1.52 -5.58
N PRO C 38 17.74 2.47 -5.65
CA PRO C 38 19.03 2.29 -4.97
C PRO C 38 18.92 2.18 -3.46
N THR C 39 17.83 2.66 -2.85
CA THR C 39 17.70 2.53 -1.41
C THR C 39 17.63 1.08 -0.98
N THR C 40 17.15 0.18 -1.85
CA THR C 40 17.11 -1.24 -1.54
C THR C 40 18.52 -1.80 -1.27
N LYS C 41 19.58 -1.15 -1.75
CA LYS C 41 20.94 -1.65 -1.53
C LYS C 41 21.30 -1.67 -0.05
N THR C 42 20.69 -0.81 0.76
CA THR C 42 21.11 -0.74 2.15
C THR C 42 20.64 -1.92 3.00
N TYR C 43 19.79 -2.81 2.46
CA TYR C 43 19.54 -4.07 3.15
C TYR C 43 20.70 -5.04 3.01
N PHE C 44 21.63 -4.74 2.10
CA PHE C 44 22.79 -5.59 1.80
C PHE C 44 24.09 -4.82 2.03
N PRO C 45 24.30 -4.24 3.22
CA PRO C 45 25.47 -3.35 3.39
C PRO C 45 26.83 -4.03 3.21
N HIS C 46 26.92 -5.36 3.34
CA HIS C 46 28.20 -6.02 3.23
C HIS C 46 28.33 -6.84 1.95
N PHE C 47 27.42 -6.66 1.00
CA PHE C 47 27.47 -7.40 -0.26
C PHE C 47 28.35 -6.66 -1.25
N ASP C 48 28.94 -7.43 -2.17
CA ASP C 48 29.47 -6.92 -3.43
C ASP C 48 28.30 -6.80 -4.38
N LEU C 49 27.80 -5.58 -4.57
CA LEU C 49 26.68 -5.33 -5.46
C LEU C 49 27.12 -4.78 -6.82
N SER C 50 28.38 -4.98 -7.19
CA SER C 50 28.85 -4.51 -8.48
C SER C 50 28.17 -5.30 -9.58
N HIS C 51 28.12 -4.70 -10.77
CA HIS C 51 27.49 -5.37 -11.90
C HIS C 51 28.15 -6.70 -12.19
N GLY C 52 27.34 -7.74 -12.35
CA GLY C 52 27.87 -9.05 -12.65
C GLY C 52 28.54 -9.76 -11.49
N SER C 53 28.44 -9.22 -10.28
CA SER C 53 29.12 -9.80 -9.14
C SER C 53 28.70 -11.26 -8.93
N ALA C 54 29.66 -12.11 -8.59
CA ALA C 54 29.33 -13.50 -8.28
C ALA C 54 28.40 -13.60 -7.09
N GLN C 55 28.57 -12.72 -6.10
CA GLN C 55 27.70 -12.77 -4.92
C GLN C 55 26.24 -12.54 -5.30
N VAL C 56 25.98 -11.60 -6.21
CA VAL C 56 24.59 -11.33 -6.58
C VAL C 56 24.07 -12.47 -7.44
N LYS C 57 24.93 -13.06 -8.27
CA LYS C 57 24.57 -14.28 -8.99
C LYS C 57 24.11 -15.35 -8.02
N GLY C 58 24.92 -15.62 -7.01
CA GLY C 58 24.57 -16.67 -6.06
C GLY C 58 23.31 -16.32 -5.29
N HIS C 59 23.12 -15.04 -5.01
CA HIS C 59 21.94 -14.66 -4.26
C HIS C 59 20.68 -14.77 -5.10
N GLY C 60 20.75 -14.33 -6.38
CA GLY C 60 19.61 -14.50 -7.27
C GLY C 60 19.20 -15.95 -7.40
N LYS C 61 20.17 -16.86 -7.38
CA LYS C 61 19.84 -18.28 -7.38
C LYS C 61 19.08 -18.66 -6.13
N LYS C 62 19.45 -18.10 -4.97
CA LYS C 62 18.73 -18.42 -3.75
C LYS C 62 17.30 -17.92 -3.81
N VAL C 63 17.11 -16.67 -4.27
CA VAL C 63 15.77 -16.13 -4.42
C VAL C 63 14.94 -17.00 -5.33
N ALA C 64 15.47 -17.30 -6.51
CA ALA C 64 14.71 -18.03 -7.51
C ALA C 64 14.30 -19.40 -6.97
N ASP C 65 15.23 -20.08 -6.32
CA ASP C 65 14.94 -21.41 -5.75
C ASP C 65 13.87 -21.32 -4.67
N ALA C 66 13.91 -20.27 -3.85
CA ALA C 66 12.86 -20.09 -2.86
C ALA C 66 11.50 -19.92 -3.52
N LEU C 67 11.47 -19.17 -4.62
CA LEU C 67 10.22 -19.01 -5.34
C LEU C 67 9.74 -20.33 -5.92
N THR C 68 10.68 -21.13 -6.46
CA THR C 68 10.30 -22.47 -6.94
C THR C 68 9.70 -23.29 -5.81
N ASN C 69 10.30 -23.21 -4.62
CA ASN C 69 9.73 -23.87 -3.44
C ASN C 69 8.34 -23.32 -3.14
N ALA C 70 8.17 -22.00 -3.15
CA ALA C 70 6.84 -21.42 -2.90
C ALA C 70 5.82 -21.91 -3.93
N VAL C 71 6.22 -22.01 -5.20
CA VAL C 71 5.31 -22.48 -6.24
C VAL C 71 4.87 -23.91 -5.95
N ALA C 72 5.80 -24.76 -5.51
CA ALA C 72 5.45 -26.13 -5.17
C ALA C 72 4.51 -26.21 -3.97
N HIS C 73 4.51 -25.22 -3.10
CA HIS C 73 3.73 -25.24 -1.87
C HIS C 73 2.75 -24.09 -1.81
N VAL C 74 2.10 -23.81 -2.94
CA VAL C 74 1.26 -22.63 -3.05
C VAL C 74 0.03 -22.71 -2.14
N ASP C 75 -0.36 -23.91 -1.70
CA ASP C 75 -1.43 -24.07 -0.71
C ASP C 75 -0.89 -24.22 0.71
N ASP C 76 0.40 -23.98 0.93
CA ASP C 76 1.02 -24.26 2.21
C ASP C 76 2.15 -23.28 2.50
N MET C 77 2.04 -22.05 2.00
CA MET C 77 3.21 -21.17 1.98
C MET C 77 3.67 -20.73 3.37
N PRO C 78 2.78 -20.43 4.33
CA PRO C 78 3.29 -20.07 5.67
C PRO C 78 4.17 -21.15 6.27
N ASN C 79 3.74 -22.42 6.19
CA ASN C 79 4.59 -23.50 6.67
C ASN C 79 5.88 -23.60 5.86
N ALA C 80 5.76 -23.54 4.54
CA ALA C 80 6.91 -23.78 3.66
C ALA C 80 7.95 -22.67 3.74
N LEU C 81 7.51 -21.43 3.92
CA LEU C 81 8.41 -20.28 3.93
C LEU C 81 8.73 -19.77 5.34
N SER C 82 8.50 -20.58 6.36
CA SER C 82 8.63 -20.12 7.74
C SER C 82 10.02 -19.59 8.04
N ALA C 83 11.07 -20.29 7.58
CA ALA C 83 12.44 -19.84 7.83
C ALA C 83 12.73 -18.52 7.11
N LEU C 84 12.17 -18.33 5.91
CA LEU C 84 12.38 -17.07 5.21
C LEU C 84 11.63 -15.93 5.89
N SER C 85 10.49 -16.22 6.51
CA SER C 85 9.80 -15.19 7.28
C SER C 85 10.59 -14.82 8.53
N ASP C 86 11.16 -15.81 9.23
CA ASP C 86 12.08 -15.54 10.33
C ASP C 86 13.12 -14.50 9.92
N LEU C 87 13.76 -14.72 8.78
CA LEU C 87 14.84 -13.83 8.33
C LEU C 87 14.32 -12.45 7.95
N HIS C 88 13.33 -12.38 7.04
CA HIS C 88 12.96 -11.08 6.48
C HIS C 88 12.08 -10.26 7.42
N ALA C 89 11.17 -10.91 8.17
CA ALA C 89 10.26 -10.20 9.06
C ALA C 89 10.82 -10.01 10.47
N HIS C 90 11.42 -11.05 11.05
CA HIS C 90 11.90 -10.97 12.43
C HIS C 90 13.26 -10.28 12.51
N LYS C 91 14.25 -10.74 11.73
CA LYS C 91 15.59 -10.17 11.84
C LYS C 91 15.75 -8.90 11.01
N LEU C 92 15.57 -9.03 9.68
CA LEU C 92 15.83 -7.90 8.80
C LEU C 92 14.75 -6.82 8.91
N ARG C 93 13.53 -7.19 9.29
CA ARG C 93 12.38 -6.29 9.31
C ARG C 93 12.25 -5.50 8.01
N VAL C 94 12.15 -6.21 6.90
CA VAL C 94 12.09 -5.55 5.60
C VAL C 94 10.77 -4.79 5.46
N ASP C 95 10.87 -3.53 5.05
CA ASP C 95 9.66 -2.75 4.74
C ASP C 95 8.94 -3.39 3.55
N PRO C 96 7.65 -3.70 3.67
CA PRO C 96 6.93 -4.36 2.57
C PRO C 96 6.96 -3.58 1.25
N VAL C 97 7.22 -2.27 1.26
CA VAL C 97 7.33 -1.57 -0.02
C VAL C 97 8.47 -2.16 -0.86
N ASN C 98 9.52 -2.68 -0.20
CA ASN C 98 10.64 -3.24 -0.95
C ASN C 98 10.25 -4.55 -1.64
N PHE C 99 9.36 -5.32 -1.03
CA PHE C 99 8.86 -6.52 -1.68
C PHE C 99 8.05 -6.17 -2.92
N LYS C 100 7.35 -5.04 -2.91
CA LYS C 100 6.68 -4.60 -4.13
C LYS C 100 7.69 -4.26 -5.22
N LEU C 101 8.82 -3.66 -4.82
CA LEU C 101 9.84 -3.30 -5.81
C LEU C 101 10.45 -4.55 -6.44
N LEU C 102 10.86 -5.52 -5.62
CA LEU C 102 11.44 -6.75 -6.17
C LEU C 102 10.41 -7.53 -6.98
N SER C 103 9.16 -7.60 -6.51
CA SER C 103 8.12 -8.29 -7.26
C SER C 103 7.94 -7.68 -8.65
N HIS C 104 7.92 -6.35 -8.73
CA HIS C 104 7.83 -5.67 -10.03
C HIS C 104 9.03 -6.02 -10.89
N CYS C 105 10.24 -6.01 -10.30
CA CYS C 105 11.44 -6.33 -11.06
C CYS C 105 11.46 -7.80 -11.51
N LEU C 106 10.84 -8.69 -10.74
CA LEU C 106 10.69 -10.07 -11.22
C LEU C 106 9.75 -10.14 -12.41
N LEU C 107 8.63 -9.40 -12.36
CA LEU C 107 7.73 -9.37 -13.50
C LEU C 107 8.40 -8.75 -14.72
N VAL C 108 9.17 -7.67 -14.53
CA VAL C 108 9.92 -7.08 -15.64
C VAL C 108 10.87 -8.11 -16.24
N THR C 109 11.58 -8.85 -15.39
CA THR C 109 12.52 -9.85 -15.90
C THR C 109 11.78 -10.94 -16.67
N LEU C 110 10.65 -11.43 -16.12
CA LEU C 110 9.90 -12.47 -16.79
C LEU C 110 9.36 -11.99 -18.13
N ALA C 111 8.81 -10.77 -18.16
CA ALA C 111 8.29 -10.21 -19.41
C ALA C 111 9.39 -10.07 -20.45
N ALA C 112 10.60 -9.74 -20.00
CA ALA C 112 11.70 -9.52 -20.92
C ALA C 112 12.26 -10.83 -21.49
N HIS C 113 12.10 -11.94 -20.78
CA HIS C 113 12.67 -13.22 -21.20
C HIS C 113 11.65 -14.22 -21.73
N LEU C 114 10.38 -14.12 -21.35
CA LEU C 114 9.35 -15.09 -21.71
C LEU C 114 8.12 -14.39 -22.28
N PRO C 115 8.29 -13.66 -23.39
CA PRO C 115 7.15 -12.87 -23.90
C PRO C 115 5.92 -13.68 -24.24
N ALA C 116 6.08 -14.89 -24.76
CA ALA C 116 4.91 -15.70 -25.12
C ALA C 116 4.12 -16.12 -23.90
N GLU C 117 4.80 -16.33 -22.77
CA GLU C 117 4.16 -16.76 -21.54
C GLU C 117 3.52 -15.60 -20.79
N PHE C 118 4.03 -14.39 -20.96
CA PHE C 118 3.64 -13.27 -20.12
C PHE C 118 2.38 -12.59 -20.67
N THR C 119 1.29 -13.36 -20.68
CA THR C 119 -0.02 -12.86 -21.10
C THR C 119 -0.65 -12.03 -19.98
N PRO C 120 -1.65 -11.22 -20.31
CA PRO C 120 -2.31 -10.45 -19.25
C PRO C 120 -2.84 -11.31 -18.11
N ALA C 121 -3.44 -12.46 -18.42
CA ALA C 121 -3.95 -13.33 -17.35
C ALA C 121 -2.82 -13.89 -16.50
N VAL C 122 -1.70 -14.27 -17.13
CA VAL C 122 -0.56 -14.83 -16.40
C VAL C 122 0.14 -13.75 -15.59
N HIS C 123 0.34 -12.57 -16.19
CA HIS C 123 0.82 -11.39 -15.48
C HIS C 123 0.01 -11.15 -14.22
N ALA C 124 -1.33 -11.13 -14.34
CA ALA C 124 -2.20 -10.92 -13.18
C ALA C 124 -1.97 -11.98 -12.11
N SER C 125 -1.87 -13.24 -12.52
CA SER C 125 -1.70 -14.32 -11.54
C SER C 125 -0.32 -14.27 -10.90
N LEU C 126 0.71 -13.93 -11.68
CA LEU C 126 2.05 -13.82 -11.11
C LEU C 126 2.12 -12.69 -10.09
N ASP C 127 1.46 -11.56 -10.38
CA ASP C 127 1.45 -10.45 -9.44
C ASP C 127 0.82 -10.85 -8.10
N LYS C 128 -0.34 -11.52 -8.15
CA LYS C 128 -1.00 -11.98 -6.92
C LYS C 128 -0.12 -12.97 -6.16
N PHE C 129 0.49 -13.91 -6.88
CA PHE C 129 1.39 -14.87 -6.25
C PHE C 129 2.54 -14.16 -5.53
N LEU C 130 3.18 -13.21 -6.19
CA LEU C 130 4.32 -12.56 -5.55
C LEU C 130 3.87 -11.67 -4.39
N ALA C 131 2.67 -11.09 -4.49
CA ALA C 131 2.11 -10.37 -3.35
C ALA C 131 1.88 -11.30 -2.18
N SER C 132 1.37 -12.51 -2.45
N SER C 132 1.37 -12.51 -2.45
CA SER C 132 1.13 -13.47 -1.38
CA SER C 132 1.13 -13.47 -1.38
C SER C 132 2.44 -13.91 -0.74
C SER C 132 2.44 -13.91 -0.74
N VAL C 133 3.46 -14.16 -1.55
CA VAL C 133 4.78 -14.52 -1.01
C VAL C 133 5.30 -13.38 -0.14
N SER C 134 5.12 -12.13 -0.59
CA SER C 134 5.63 -10.99 0.13
C SER C 134 4.94 -10.83 1.48
N THR C 135 3.64 -11.09 1.52
CA THR C 135 2.92 -11.07 2.80
C THR C 135 3.46 -12.09 3.77
N VAL C 136 3.75 -13.30 3.29
CA VAL C 136 4.28 -14.33 4.18
C VAL C 136 5.65 -13.93 4.72
N LEU C 137 6.52 -13.39 3.85
CA LEU C 137 7.89 -13.13 4.26
C LEU C 137 7.99 -11.92 5.19
N THR C 138 7.03 -10.98 5.11
CA THR C 138 7.06 -9.77 5.93
C THR C 138 6.17 -9.87 7.18
N SER C 139 5.55 -11.02 7.42
N SER C 139 5.55 -11.02 7.42
CA SER C 139 4.70 -11.20 8.59
CA SER C 139 4.70 -11.20 8.59
C SER C 139 5.41 -12.06 9.63
C SER C 139 5.42 -12.05 9.64
N LYS C 140 5.30 -11.65 10.90
CA LYS C 140 5.80 -12.45 12.02
C LYS C 140 4.65 -13.31 12.51
N TYR C 141 4.66 -14.59 12.15
CA TYR C 141 3.55 -15.47 12.53
C TYR C 141 4.00 -16.58 13.47
N ARG C 142 5.08 -16.35 14.21
CA ARG C 142 5.39 -17.13 15.40
C ARG C 142 6.08 -16.22 16.40
N VAL D 2 11.82 16.64 -11.47
CA VAL D 2 12.47 17.39 -12.54
C VAL D 2 13.94 16.94 -12.67
N HIS D 3 14.23 15.69 -12.25
CA HIS D 3 15.60 15.26 -12.02
C HIS D 3 15.87 13.85 -12.58
N LEU D 4 15.87 13.73 -13.92
CA LEU D 4 16.62 12.67 -14.58
C LEU D 4 18.02 13.20 -14.89
N THR D 5 19.03 12.34 -14.81
CA THR D 5 20.35 12.73 -15.27
C THR D 5 20.33 12.93 -16.79
N PRO D 6 21.33 13.63 -17.35
CA PRO D 6 21.41 13.69 -18.82
C PRO D 6 21.46 12.32 -19.48
N GLU D 7 22.16 11.35 -18.89
CA GLU D 7 22.22 10.04 -19.52
C GLU D 7 20.89 9.32 -19.42
N GLU D 8 20.15 9.52 -18.33
CA GLU D 8 18.83 8.90 -18.24
C GLU D 8 17.87 9.49 -19.27
N LYS D 9 17.95 10.81 -19.50
CA LYS D 9 17.09 11.42 -20.51
C LYS D 9 17.39 10.89 -21.89
N SER D 10 18.68 10.75 -22.23
CA SER D 10 19.05 10.20 -23.53
C SER D 10 18.55 8.77 -23.70
N ALA D 11 18.60 7.97 -22.64
CA ALA D 11 18.14 6.60 -22.74
C ALA D 11 16.61 6.53 -22.94
N VAL D 12 15.84 7.31 -22.17
CA VAL D 12 14.39 7.24 -22.31
C VAL D 12 13.95 7.79 -23.68
N THR D 13 14.56 8.89 -24.10
CA THR D 13 14.28 9.46 -25.41
C THR D 13 14.59 8.47 -26.53
N ALA D 14 15.74 7.80 -26.45
CA ALA D 14 16.12 6.89 -27.54
C ALA D 14 15.14 5.72 -27.63
N LEU D 15 14.77 5.13 -26.48
CA LEU D 15 13.84 4.00 -26.53
C LEU D 15 12.45 4.45 -26.97
N TRP D 16 11.99 5.61 -26.49
CA TRP D 16 10.64 6.03 -26.81
C TRP D 16 10.44 6.28 -28.30
N GLY D 17 11.50 6.60 -29.03
CA GLY D 17 11.38 6.76 -30.46
C GLY D 17 10.97 5.50 -31.19
N LYS D 18 11.15 4.34 -30.56
CA LYS D 18 10.78 3.07 -31.17
C LYS D 18 9.47 2.50 -30.66
N VAL D 19 8.79 3.20 -29.77
CA VAL D 19 7.58 2.69 -29.14
C VAL D 19 6.41 2.85 -30.09
N ASN D 20 5.58 1.82 -30.21
CA ASN D 20 4.38 1.88 -31.04
C ASN D 20 3.30 2.64 -30.29
N VAL D 21 3.15 3.93 -30.64
CA VAL D 21 2.18 4.81 -29.99
C VAL D 21 0.74 4.39 -30.17
N ASP D 22 0.46 3.45 -31.09
CA ASP D 22 -0.92 2.99 -31.32
C ASP D 22 -1.29 1.76 -30.49
N GLU D 23 -0.31 1.04 -29.96
CA GLU D 23 -0.52 -0.24 -29.27
C GLU D 23 -0.18 -0.19 -27.79
N VAL D 24 0.90 0.49 -27.41
CA VAL D 24 1.46 0.29 -26.06
C VAL D 24 0.50 0.81 -25.01
N GLY D 25 -0.18 1.93 -25.30
CA GLY D 25 -1.11 2.50 -24.34
C GLY D 25 -2.31 1.60 -24.08
N GLY D 26 -2.91 1.07 -25.15
CA GLY D 26 -4.02 0.15 -24.97
C GLY D 26 -3.61 -1.12 -24.26
N GLU D 27 -2.40 -1.59 -24.52
CA GLU D 27 -1.88 -2.75 -23.82
C GLU D 27 -1.68 -2.45 -22.34
N ALA D 28 -1.17 -1.25 -22.01
CA ALA D 28 -0.93 -0.91 -20.61
C ALA D 28 -2.23 -0.70 -19.85
N LEU D 29 -3.16 0.07 -20.43
CA LEU D 29 -4.45 0.27 -19.78
C LEU D 29 -5.17 -1.07 -19.63
N GLY D 30 -5.15 -1.90 -20.68
CA GLY D 30 -5.79 -3.19 -20.59
C GLY D 30 -5.24 -4.05 -19.46
N ARG D 31 -3.91 -4.11 -19.34
CA ARG D 31 -3.32 -4.92 -18.28
C ARG D 31 -3.62 -4.33 -16.91
N LEU D 32 -3.66 -3.00 -16.79
CA LEU D 32 -4.09 -2.40 -15.53
C LEU D 32 -5.46 -2.93 -15.12
N LEU D 33 -6.41 -2.92 -16.06
CA LEU D 33 -7.77 -3.40 -15.79
C LEU D 33 -7.79 -4.89 -15.47
N VAL D 34 -6.88 -5.65 -16.04
CA VAL D 34 -6.86 -7.09 -15.81
C VAL D 34 -6.10 -7.43 -14.52
N VAL D 35 -4.94 -6.81 -14.32
CA VAL D 35 -4.10 -7.15 -13.17
C VAL D 35 -4.65 -6.55 -11.88
N TYR D 36 -5.28 -5.37 -11.95
CA TYR D 36 -5.81 -4.67 -10.78
C TYR D 36 -7.29 -4.42 -11.04
N PRO D 37 -8.13 -5.44 -10.86
CA PRO D 37 -9.48 -5.41 -11.44
C PRO D 37 -10.40 -4.37 -10.85
N TRP D 38 -10.13 -3.85 -9.65
CA TRP D 38 -10.96 -2.78 -9.11
C TRP D 38 -10.88 -1.52 -9.97
N THR D 39 -9.83 -1.36 -10.77
CA THR D 39 -9.74 -0.19 -11.64
C THR D 39 -10.82 -0.19 -12.70
N GLN D 40 -11.39 -1.37 -13.00
CA GLN D 40 -12.50 -1.44 -13.95
C GLN D 40 -13.65 -0.55 -13.54
N ARG D 41 -13.84 -0.34 -12.24
CA ARG D 41 -14.95 0.47 -11.75
C ARG D 41 -14.92 1.88 -12.34
N PHE D 42 -13.73 2.40 -12.65
CA PHE D 42 -13.64 3.75 -13.20
C PHE D 42 -14.08 3.82 -14.67
N PHE D 43 -14.33 2.69 -15.32
CA PHE D 43 -14.60 2.63 -16.76
C PHE D 43 -15.91 1.88 -17.03
N GLU D 44 -16.94 2.19 -16.23
CA GLU D 44 -18.25 1.53 -16.33
C GLU D 44 -18.82 1.61 -17.75
N SER D 45 -18.62 2.74 -18.41
CA SER D 45 -19.21 2.96 -19.73
C SER D 45 -18.46 2.28 -20.85
N PHE D 46 -17.33 1.63 -20.58
CA PHE D 46 -16.50 1.14 -21.67
C PHE D 46 -16.97 -0.20 -22.22
N GLY D 47 -17.98 -0.80 -21.61
CA GLY D 47 -18.58 -2.00 -22.16
C GLY D 47 -18.06 -3.27 -21.51
N ASP D 48 -17.79 -4.28 -22.32
CA ASP D 48 -17.42 -5.59 -21.81
C ASP D 48 -16.00 -5.56 -21.24
N LEU D 49 -15.88 -5.75 -19.92
CA LEU D 49 -14.60 -5.88 -19.22
C LEU D 49 -14.54 -7.16 -18.41
N SER D 50 -15.32 -8.17 -18.79
CA SER D 50 -15.64 -9.32 -17.93
C SER D 50 -14.58 -10.41 -17.96
N THR D 51 -13.65 -10.40 -18.92
CA THR D 51 -12.59 -11.39 -19.04
C THR D 51 -11.35 -10.69 -19.55
N PRO D 52 -10.17 -11.27 -19.31
CA PRO D 52 -8.95 -10.71 -19.94
C PRO D 52 -9.10 -10.45 -21.43
N ASP D 53 -9.61 -11.43 -22.17
CA ASP D 53 -9.72 -11.27 -23.62
C ASP D 53 -10.70 -10.15 -23.97
N ALA D 54 -11.81 -10.04 -23.22
CA ALA D 54 -12.75 -8.95 -23.48
C ALA D 54 -12.12 -7.59 -23.21
N VAL D 55 -11.37 -7.47 -22.11
CA VAL D 55 -10.67 -6.21 -21.83
C VAL D 55 -9.69 -5.87 -22.95
N MET D 56 -8.74 -6.78 -23.22
CA MET D 56 -7.72 -6.44 -24.21
C MET D 56 -8.28 -6.28 -25.61
N GLY D 57 -9.45 -6.84 -25.89
CA GLY D 57 -10.09 -6.66 -27.19
C GLY D 57 -11.09 -5.52 -27.25
N ASN D 58 -11.33 -4.83 -26.14
CA ASN D 58 -12.32 -3.77 -26.09
C ASN D 58 -11.84 -2.56 -26.87
N PRO D 59 -12.56 -2.11 -27.91
CA PRO D 59 -12.08 -0.97 -28.72
C PRO D 59 -11.95 0.31 -27.93
N LYS D 60 -12.85 0.53 -26.97
CA LYS D 60 -12.78 1.74 -26.15
C LYS D 60 -11.56 1.73 -25.24
N VAL D 61 -11.12 0.55 -24.79
CA VAL D 61 -9.90 0.48 -24.00
C VAL D 61 -8.69 0.84 -24.86
N LYS D 62 -8.59 0.28 -26.07
CA LYS D 62 -7.49 0.61 -26.96
C LYS D 62 -7.48 2.10 -27.29
N ALA D 63 -8.66 2.67 -27.56
CA ALA D 63 -8.71 4.06 -27.96
C ALA D 63 -8.33 4.96 -26.79
N HIS D 64 -8.85 4.68 -25.60
CA HIS D 64 -8.42 5.44 -24.44
C HIS D 64 -6.93 5.26 -24.17
N GLY D 65 -6.43 4.02 -24.27
CA GLY D 65 -5.00 3.77 -24.08
C GLY D 65 -4.14 4.64 -24.96
N LYS D 66 -4.63 4.93 -26.17
CA LYS D 66 -3.90 5.82 -27.07
C LYS D 66 -3.80 7.23 -26.49
N LYS D 67 -4.86 7.72 -25.85
CA LYS D 67 -4.82 9.04 -25.22
C LYS D 67 -3.88 9.05 -24.02
N VAL D 68 -3.96 8.02 -23.17
CA VAL D 68 -3.00 7.82 -22.08
C VAL D 68 -1.58 7.99 -22.59
N LEU D 69 -1.23 7.19 -23.59
CA LEU D 69 0.14 7.17 -24.07
C LEU D 69 0.52 8.49 -24.70
N GLY D 70 -0.42 9.18 -25.33
CA GLY D 70 -0.19 10.54 -25.78
C GLY D 70 0.25 11.44 -24.64
N ALA D 71 -0.39 11.29 -23.48
CA ALA D 71 -0.02 12.14 -22.34
C ALA D 71 1.35 11.76 -21.78
N PHE D 72 1.68 10.46 -21.77
CA PHE D 72 3.03 10.04 -21.42
C PHE D 72 4.05 10.64 -22.39
N SER D 73 3.74 10.62 -23.70
CA SER D 73 4.62 11.24 -24.68
C SER D 73 4.82 12.72 -24.41
N ASP D 74 3.73 13.43 -24.08
CA ASP D 74 3.81 14.82 -23.66
C ASP D 74 4.75 14.97 -22.47
N GLY D 75 4.66 14.07 -21.51
CA GLY D 75 5.56 14.13 -20.36
C GLY D 75 7.00 13.92 -20.76
N LEU D 76 7.26 12.95 -21.64
CA LEU D 76 8.63 12.66 -22.06
C LEU D 76 9.23 13.80 -22.87
N ALA D 77 8.41 14.60 -23.54
CA ALA D 77 8.88 15.78 -24.25
C ALA D 77 9.10 16.98 -23.33
N HIS D 78 8.75 16.87 -22.04
CA HIS D 78 8.87 17.97 -21.09
C HIS D 78 9.31 17.44 -19.72
N LEU D 79 10.41 16.69 -19.72
CA LEU D 79 10.81 15.94 -18.52
C LEU D 79 11.12 16.82 -17.32
N ASP D 80 11.50 18.09 -17.53
CA ASP D 80 11.78 18.95 -16.39
C ASP D 80 10.56 19.74 -15.91
N ASN D 81 9.40 19.60 -16.58
CA ASN D 81 8.16 20.26 -16.14
C ASN D 81 6.99 19.26 -16.17
N LEU D 82 7.16 18.12 -15.48
CA LEU D 82 6.07 17.16 -15.46
C LEU D 82 4.84 17.72 -14.74
N LYS D 83 5.05 18.55 -13.71
CA LYS D 83 3.92 19.09 -12.95
C LYS D 83 3.02 19.93 -13.83
N GLY D 84 3.60 20.81 -14.65
CA GLY D 84 2.80 21.63 -15.54
C GLY D 84 2.20 20.83 -16.69
N THR D 85 2.96 19.87 -17.20
CA THR D 85 2.45 19.05 -18.31
C THR D 85 1.17 18.33 -17.90
N PHE D 86 1.10 17.86 -16.65
CA PHE D 86 -0.01 17.03 -16.20
C PHE D 86 -1.01 17.77 -15.31
N ALA D 87 -0.90 19.10 -15.21
CA ALA D 87 -1.71 19.84 -14.24
C ALA D 87 -3.20 19.62 -14.47
N THR D 88 -3.65 19.74 -15.71
CA THR D 88 -5.07 19.60 -16.01
C THR D 88 -5.55 18.18 -15.77
N LEU D 89 -4.76 17.19 -16.18
CA LEU D 89 -5.11 15.81 -15.87
C LEU D 89 -5.14 15.56 -14.37
N SER D 90 -4.31 16.27 -13.59
CA SER D 90 -4.34 16.06 -12.14
C SER D 90 -5.67 16.51 -11.55
N GLU D 91 -6.16 17.68 -11.97
CA GLU D 91 -7.49 18.12 -11.54
C GLU D 91 -8.54 17.07 -11.88
N LEU D 92 -8.54 16.56 -13.11
CA LEU D 92 -9.54 15.57 -13.51
C LEU D 92 -9.44 14.30 -12.66
N HIS D 93 -8.23 13.75 -12.51
CA HIS D 93 -8.10 12.46 -11.86
C HIS D 93 -8.29 12.56 -10.34
N CYS D 94 -7.85 13.66 -9.74
CA CYS D 94 -7.90 13.82 -8.30
C CYS D 94 -9.18 14.51 -7.83
N ASP D 95 -9.44 15.72 -8.32
CA ASP D 95 -10.62 16.47 -7.89
C ASP D 95 -11.90 15.83 -8.39
N LYS D 96 -11.94 15.40 -9.65
CA LYS D 96 -13.18 14.94 -10.27
C LYS D 96 -13.40 13.44 -10.13
N LEU D 97 -12.40 12.63 -10.48
CA LEU D 97 -12.57 11.18 -10.53
C LEU D 97 -12.20 10.49 -9.23
N HIS D 98 -11.44 11.17 -8.35
CA HIS D 98 -11.04 10.63 -7.05
C HIS D 98 -10.31 9.29 -7.17
N VAL D 99 -9.45 9.18 -8.18
CA VAL D 99 -8.60 8.01 -8.32
C VAL D 99 -7.50 8.06 -7.26
N ASP D 100 -7.42 7.02 -6.44
CA ASP D 100 -6.40 6.97 -5.41
C ASP D 100 -5.02 6.96 -6.06
N PRO D 101 -4.09 7.80 -5.60
CA PRO D 101 -2.80 7.93 -6.32
C PRO D 101 -1.95 6.68 -6.35
N GLU D 102 -2.21 5.67 -5.50
CA GLU D 102 -1.50 4.40 -5.66
C GLU D 102 -1.79 3.79 -7.03
N ASN D 103 -2.96 4.06 -7.59
CA ASN D 103 -3.28 3.54 -8.91
C ASN D 103 -2.44 4.17 -10.01
N PHE D 104 -2.04 5.44 -9.84
CA PHE D 104 -1.10 6.06 -10.78
C PHE D 104 0.23 5.30 -10.81
N ARG D 105 0.72 4.92 -9.63
CA ARG D 105 1.99 4.21 -9.56
C ARG D 105 1.87 2.83 -10.18
N LEU D 106 0.72 2.18 -9.99
CA LEU D 106 0.50 0.86 -10.57
C LEU D 106 0.48 0.93 -12.11
N LEU D 107 -0.23 1.91 -12.67
CA LEU D 107 -0.25 2.04 -14.13
C LEU D 107 1.14 2.32 -14.67
N GLY D 108 1.90 3.18 -13.99
CA GLY D 108 3.30 3.40 -14.36
C GLY D 108 4.10 2.12 -14.46
N ASN D 109 3.96 1.24 -13.46
CA ASN D 109 4.75 0.01 -13.47
C ASN D 109 4.20 -1.02 -14.45
N VAL D 110 2.89 -1.02 -14.69
CA VAL D 110 2.35 -1.83 -15.79
C VAL D 110 2.94 -1.36 -17.13
N LEU D 111 3.02 -0.03 -17.33
CA LEU D 111 3.65 0.45 -18.56
C LEU D 111 5.09 -0.06 -18.67
N VAL D 112 5.82 -0.03 -17.55
CA VAL D 112 7.19 -0.56 -17.57
C VAL D 112 7.19 -2.03 -17.93
N CYS D 113 6.24 -2.82 -17.39
CA CYS D 113 6.16 -4.22 -17.78
C CYS D 113 5.86 -4.37 -19.27
N VAL D 114 5.00 -3.51 -19.81
CA VAL D 114 4.68 -3.61 -21.24
C VAL D 114 5.90 -3.25 -22.08
N LEU D 115 6.65 -2.22 -21.67
CA LEU D 115 7.90 -1.91 -22.37
C LEU D 115 8.86 -3.09 -22.30
N ALA D 116 9.01 -3.68 -21.11
CA ALA D 116 9.85 -4.86 -20.98
C ALA D 116 9.37 -5.98 -21.89
N HIS D 117 8.05 -6.20 -21.94
CA HIS D 117 7.50 -7.27 -22.74
C HIS D 117 7.82 -7.10 -24.21
N HIS D 118 7.69 -5.88 -24.73
CA HIS D 118 7.90 -5.64 -26.14
C HIS D 118 9.38 -5.62 -26.51
N PHE D 119 10.22 -4.99 -25.69
CA PHE D 119 11.61 -4.81 -26.09
C PHE D 119 12.52 -5.96 -25.65
N GLY D 120 12.08 -6.80 -24.73
CA GLY D 120 12.91 -7.93 -24.31
C GLY D 120 14.25 -7.46 -23.78
N LYS D 121 15.32 -8.11 -24.24
CA LYS D 121 16.64 -7.84 -23.68
C LYS D 121 17.12 -6.41 -23.94
N GLU D 122 16.53 -5.72 -24.91
CA GLU D 122 16.83 -4.31 -25.13
C GLU D 122 16.36 -3.45 -23.95
N PHE D 123 15.39 -3.91 -23.17
CA PHE D 123 14.94 -3.18 -21.99
C PHE D 123 15.86 -3.57 -20.83
N THR D 124 17.09 -3.02 -20.92
CA THR D 124 18.16 -3.36 -20.00
C THR D 124 17.88 -2.77 -18.63
N PRO D 125 18.59 -3.23 -17.59
CA PRO D 125 18.39 -2.65 -16.25
C PRO D 125 18.60 -1.14 -16.24
N PRO D 126 19.65 -0.60 -16.87
CA PRO D 126 19.76 0.88 -16.88
C PRO D 126 18.61 1.56 -17.63
N VAL D 127 18.12 0.98 -18.73
CA VAL D 127 16.98 1.57 -19.41
C VAL D 127 15.77 1.56 -18.47
N GLN D 128 15.55 0.43 -17.79
CA GLN D 128 14.42 0.37 -16.86
C GLN D 128 14.55 1.41 -15.76
N ALA D 129 15.75 1.58 -15.21
CA ALA D 129 15.92 2.51 -14.09
C ALA D 129 15.60 3.93 -14.51
N ALA D 130 16.00 4.30 -15.73
CA ALA D 130 15.62 5.62 -16.24
C ALA D 130 14.10 5.74 -16.38
N TYR D 131 13.45 4.70 -16.90
CA TYR D 131 11.99 4.75 -17.03
C TYR D 131 11.29 4.74 -15.68
N GLN D 132 11.87 4.09 -14.66
CA GLN D 132 11.23 4.14 -13.34
C GLN D 132 11.15 5.58 -12.85
N LYS D 133 12.14 6.41 -13.17
CA LYS D 133 12.09 7.81 -12.78
C LYS D 133 11.02 8.56 -13.56
N VAL D 134 10.84 8.21 -14.84
CA VAL D 134 9.78 8.83 -15.64
C VAL D 134 8.42 8.53 -15.03
N VAL D 135 8.09 7.25 -14.83
CA VAL D 135 6.73 6.93 -14.40
C VAL D 135 6.49 7.37 -12.95
N ALA D 136 7.53 7.37 -12.10
CA ALA D 136 7.38 7.96 -10.77
C ALA D 136 7.07 9.45 -10.87
N GLY D 137 7.76 10.16 -11.77
CA GLY D 137 7.50 11.58 -11.92
C GLY D 137 6.11 11.85 -12.47
N VAL D 138 5.65 11.02 -13.42
CA VAL D 138 4.30 11.18 -13.96
C VAL D 138 3.26 10.97 -12.88
N ALA D 139 3.43 9.92 -12.08
CA ALA D 139 2.47 9.63 -11.01
C ALA D 139 2.45 10.75 -9.98
N ASN D 140 3.63 11.23 -9.60
CA ASN D 140 3.72 12.37 -8.69
C ASN D 140 3.02 13.60 -9.27
N ALA D 141 3.22 13.85 -10.56
CA ALA D 141 2.59 14.99 -11.20
C ALA D 141 1.07 14.86 -11.23
N LEU D 142 0.57 13.65 -11.55
CA LEU D 142 -0.88 13.43 -11.56
C LEU D 142 -1.49 13.53 -10.17
N ALA D 143 -0.72 13.19 -9.13
CA ALA D 143 -1.17 13.34 -7.75
C ALA D 143 -0.98 14.74 -7.20
N HIS D 144 -0.49 15.69 -8.01
CA HIS D 144 -0.12 17.00 -7.46
C HIS D 144 -1.29 17.69 -6.78
N LYS D 145 -2.51 17.54 -7.33
CA LYS D 145 -3.66 18.18 -6.70
C LYS D 145 -4.01 17.56 -5.34
N TYR D 146 -3.41 16.42 -4.99
CA TYR D 146 -3.48 15.85 -3.64
C TYR D 146 -2.41 16.40 -2.70
N HIS D 147 -1.49 17.22 -3.21
CA HIS D 147 -0.32 17.66 -2.45
C HIS D 147 -0.47 19.09 -1.94
CHA HEM E . -21.92 -4.75 1.89
CHB HEM E . -18.80 -6.49 5.23
CHC HEM E . -15.37 -3.30 3.59
CHD HEM E . -18.73 -1.27 0.55
C1A HEM E . -21.39 -5.48 2.95
C2A HEM E . -22.08 -6.47 3.75
C3A HEM E . -21.23 -6.96 4.68
C4A HEM E . -19.95 -6.28 4.50
CMA HEM E . -21.53 -8.03 5.77
CAA HEM E . -23.55 -6.88 3.55
CBA HEM E . -23.58 -8.16 2.73
CGA HEM E . -25.01 -8.64 2.65
O1A HEM E . -25.42 -9.47 3.51
O2A HEM E . -25.75 -8.18 1.74
C1B HEM E . -17.62 -5.77 5.06
C2B HEM E . -16.41 -5.98 5.82
C3B HEM E . -15.47 -5.13 5.41
C4B HEM E . -16.02 -4.30 4.33
CMB HEM E . -16.29 -7.03 6.95
CAB HEM E . -14.04 -5.10 6.05
CBB HEM E . -13.11 -4.22 5.70
C1C HEM E . -16.04 -2.45 2.71
C2C HEM E . -15.50 -1.20 2.19
C3C HEM E . -16.42 -0.64 1.34
C4C HEM E . -17.59 -1.50 1.31
CMC HEM E . -14.09 -0.70 2.57
CAC HEM E . -16.39 0.67 0.53
CBC HEM E . -15.79 1.78 0.98
C1D HEM E . -19.88 -2.05 0.66
C2D HEM E . -21.10 -1.85 -0.08
C3D HEM E . -21.99 -2.81 0.28
C4D HEM E . -21.36 -3.65 1.27
CMD HEM E . -21.30 -0.72 -1.10
CAD HEM E . -23.42 -2.99 -0.26
CBD HEM E . -24.41 -2.23 0.61
CGD HEM E . -25.79 -2.55 0.09
O1D HEM E . -26.19 -1.97 -0.95
O2D HEM E . -26.48 -3.42 0.70
NA HEM E . -20.09 -5.40 3.44
NB HEM E . -17.34 -4.73 4.16
NC HEM E . -17.32 -2.58 2.17
ND HEM E . -20.08 -3.15 1.46
FE HEM E . -18.76 -3.92 2.85
C CMO F . -19.11 -2.61 4.22
O CMO F . -19.65 -1.57 4.60
O4 N2Q G . 0.09 -9.98 8.07
C11 N2Q G . -1.10 -12.14 7.62
C10 N2Q G . 1.99 -7.82 9.26
C9 N2Q G . 2.58 -6.55 9.43
C1 N2Q G . -1.08 -8.48 6.95
C2 N2Q G . -1.68 -9.77 6.75
C6 N2Q G . 0.97 -7.64 8.31
C5 N2Q G . 0.02 -8.71 7.79
C3 N2Q G . -0.87 -10.64 7.50
N7 N2Q G . 0.98 -6.38 7.97
N8 N2Q G . 1.93 -5.72 8.63
CHA HEM H . 13.47 12.71 13.53
CHB HEM H . 8.88 14.46 13.37
CHC HEM H . 7.60 10.60 10.55
CHD HEM H . 12.10 8.60 11.18
C1A HEM H . 12.36 13.51 13.73
C2A HEM H . 12.34 14.76 14.47
C3A HEM H . 11.09 15.24 14.41
C4A HEM H . 10.25 14.32 13.66
CMA HEM H . 10.63 16.56 15.10
CAA HEM H . 13.54 15.42 15.17
CBA HEM H . 14.39 16.09 14.10
CGA HEM H . 15.48 16.94 14.71
O1A HEM H . 16.26 17.54 13.93
O2A HEM H . 15.56 17.03 15.97
C1B HEM H . 8.16 13.58 12.56
C2B HEM H . 6.79 13.76 12.15
C3B HEM H . 6.43 12.73 11.37
C4B HEM H . 7.56 11.81 11.27
CMB HEM H . 5.90 14.97 12.51
CAB HEM H . 5.02 12.62 10.74
CBB HEM H . 4.70 11.72 9.83
C1C HEM H . 8.67 9.69 10.61
C2C HEM H . 8.62 8.28 10.23
C3C HEM H . 9.86 7.75 10.39
C4C HEM H . 10.74 8.78 10.89
CMC HEM H . 7.32 7.59 9.73
CAC HEM H . 10.34 6.29 10.16
CBC HEM H . 9.55 5.23 10.05
C1D HEM H . 12.84 9.54 11.90
C2D HEM H . 14.22 9.38 12.38
C3D HEM H . 14.58 10.51 13.02
C4D HEM H . 13.47 11.43 12.98
CMD HEM H . 15.07 8.12 12.16
CAD HEM H . 15.94 10.79 13.68
CBD HEM H . 16.04 10.18 15.06
CGD HEM H . 17.48 10.31 15.56
O1D HEM H . 18.21 9.29 15.50
O2D HEM H . 17.87 11.42 15.98
NA HEM H . 11.07 13.27 13.26
NB HEM H . 8.59 12.37 12.02
NC HEM H . 9.98 9.95 11.02
ND HEM H . 12.44 10.80 12.29
FE HEM H . 10.52 11.55 12.24
C CMO I . 9.84 10.54 13.74
O CMO I . 10.02 9.82 14.72
CHA HEM J . 18.08 -13.32 2.00
CHB HEM J . 14.27 -14.95 -0.65
CHC HEM J . 12.56 -10.30 -0.90
CHD HEM J . 16.47 -8.69 1.70
C1A HEM J . 17.22 -14.14 1.27
C2A HEM J . 17.41 -15.56 1.01
C3A HEM J . 16.37 -16.02 0.29
C4A HEM J . 15.47 -14.91 0.04
CMA HEM J . 16.18 -17.48 -0.20
CAA HEM J . 18.61 -16.39 1.51
CBA HEM J . 18.25 -16.98 2.87
CGA HEM J . 19.45 -17.74 3.41
O1A HEM J . 20.59 -17.44 2.97
O2A HEM J . 19.27 -18.64 4.27
C1B HEM J . 13.53 -13.81 -0.94
C2B HEM J . 12.32 -13.81 -1.73
C3B HEM J . 11.84 -12.56 -1.79
C4B HEM J . 12.72 -11.68 -1.05
CMB HEM J . 11.72 -15.10 -2.34
CAB HEM J . 10.59 -12.03 -2.53
CBB HEM J . 10.20 -12.55 -3.70
C1C HEM J . 13.53 -9.49 -0.29
C2C HEM J . 13.56 -8.04 -0.33
C3C HEM J . 14.61 -7.61 0.40
C4C HEM J . 15.32 -8.77 0.91
CMC HEM J . 12.50 -7.19 -1.09
CAC HEM J . 15.15 -6.17 0.68
CBC HEM J . 14.93 -5.15 -0.19
C1D HEM J . 17.24 -9.81 2.00
C2D HEM J . 18.47 -9.83 2.77
C3D HEM J . 18.90 -11.08 2.87
C4D HEM J . 17.98 -11.95 2.15
CMD HEM J . 19.14 -8.59 3.39
CAD HEM J . 20.18 -11.53 3.63
CBD HEM J . 21.42 -11.35 2.79
CGD HEM J . 22.60 -11.74 3.66
O1D HEM J . 23.11 -12.87 3.46
O2D HEM J . 23.00 -10.93 4.53
NA HEM J . 16.03 -13.79 0.66
NB HEM J . 13.74 -12.49 -0.55
NC HEM J . 14.63 -9.90 0.48
ND HEM J . 16.98 -11.13 1.64
FE HEM J . 15.42 -11.82 0.57
C CMO K . 16.22 -11.44 -1.15
O CMO K . 17.13 -10.95 -1.80
O4 N2Q L . -4.85 -11.36 -3.23
C11 N2Q L . -4.18 -13.61 -2.36
C10 N2Q L . -5.94 -8.98 -5.31
C9 N2Q L . -6.51 -7.68 -5.31
C1 N2Q L . -2.95 -10.30 -3.64
C2 N2Q L . -2.66 -11.62 -3.12
C6 N2Q L . -5.16 -9.04 -4.13
C5 N2Q L . -4.34 -10.23 -3.66
C3 N2Q L . -3.92 -12.20 -2.90
N7 N2Q L . -5.30 -7.88 -3.52
N8 N2Q L . -6.10 -7.07 -4.23
CHA HEM M . -8.91 9.98 -18.52
CHB HEM M . -4.02 10.04 -18.68
CHC HEM M . -3.87 7.16 -14.67
CHD HEM M . -8.85 6.82 -14.76
C1A HEM M . -7.61 10.23 -18.93
C2A HEM M . -7.19 10.99 -20.09
C3A HEM M . -5.85 11.00 -20.12
C4A HEM M . -5.36 10.24 -19.00
CMA HEM M . -4.95 11.69 -21.17
CAA HEM M . -8.14 11.69 -21.10
CBA HEM M . -8.62 12.98 -20.43
CGA HEM M . -9.61 13.75 -21.30
O1A HEM M . -9.41 13.82 -22.53
O2A HEM M . -10.60 14.30 -20.73
C1B HEM M . -3.58 9.29 -17.59
C2B HEM M . -2.20 9.10 -17.22
C3B HEM M . -2.13 8.31 -16.15
C4B HEM M . -3.49 7.95 -15.76
CMB HEM M . -1.01 9.71 -17.98
CAB HEM M . -0.79 7.92 -15.48
CBB HEM M . -0.71 7.41 -14.24
C1C HEM M . -5.20 6.75 -14.44
C2C HEM M . -5.62 5.72 -13.51
C3C HEM M . -6.98 5.63 -13.54
C4C HEM M . -7.49 6.60 -14.48
CMC HEM M . -4.60 4.90 -12.68
CAC HEM M . -7.94 4.72 -12.75
CBC HEM M . -7.54 3.70 -12.00
C1D HEM M . -9.27 7.65 -15.79
C2D HEM M . -10.65 7.89 -16.18
C3D HEM M . -10.67 8.75 -17.19
C4D HEM M . -9.30 9.10 -17.52
CMD HEM M . -11.89 7.23 -15.50
CAD HEM M . -11.92 9.28 -17.94
CBD HEM M . -12.21 8.34 -19.11
CGD HEM M . -13.57 8.68 -19.69
O1D HEM M . -13.67 9.41 -20.70
O2D HEM M . -14.57 8.21 -19.09
NA HEM M . -6.45 9.79 -18.28
NB HEM M . -4.34 8.58 -16.67
NC HEM M . -6.37 7.26 -15.00
ND HEM M . -8.49 8.41 -16.64
FE HEM M . -6.46 8.45 -16.72
C CMO N . -6.24 6.80 -17.70
O CMO N . -6.75 5.85 -18.25
#